data_9M5U
#
_entry.id   9M5U
#
_cell.length_a   1.00
_cell.length_b   1.00
_cell.length_c   1.00
_cell.angle_alpha   90.00
_cell.angle_beta   90.00
_cell.angle_gamma   90.00
#
_symmetry.space_group_name_H-M   'P 1'
#
loop_
_entity.id
_entity.type
_entity.pdbx_description
1 polymer 'DNA (cytosine-5)-methyltransferase 1'
2 polymer "DNA (5'-D(*AP*CP*TP*TP*AP*(5CM)P*GP*GP*AP*AP*GP*G)-3')"
3 polymer "DNA (5'-D(*CP*CP*TP*TP*CP*(A1L82)P*GP*TP*AP*AP*GP*T)-3')"
4 non-polymer S-ADENOSYL-L-HOMOCYSTEINE
5 non-polymer 'ZINC ION'
#
loop_
_entity_poly.entity_id
_entity_poly.type
_entity_poly.pdbx_seq_one_letter_code
_entity_poly.pdbx_strand_id
1 'polypeptide(L)'
;GPLGSKRKAMQATTTRLVNRIWGEFYSNYSPEDPLQATAAENGEDEVEEEGGNGEEEVEEEGENGLTEDTVPEPVEVQKP
HTPKKIRGSSGKREIKWDGESLGKTSAGEPLYQQALVGGEMVAVGGAVTLEVDDPDEMPAIYFVEYMFESTDHCKMLHGR
FLQRGSMTVLGNAANERELFLTNECMTTQLKDIKGVASFEIRSRPWGHQYRKKNITADKLDWARALERKVKDLPTEYYCK
SLYSPERGGFFSLPLSDIGRSSGFCTSCKIREDEEKRSTIKLNVSKTGFFINGIEYSVEDFVYVNPDSIGGLKEGSKTSF
KSGRNIGLRAYVVCQLLEIVPKESRKADLGSFDVKVRRFYRPEDVSAEKAYASDIQELYFSQDTVVLPPGALEGKCEVRK
KSDMPLSREYPISDHIFFCDLFFDTSKGSLKQLPANMKPKFSTIKDDTLLRKKKGKGVESEIESEIVKPVEPPKEIRLAT
LDIFAGCGGLSHGLKKAGVSDAKWAIEYEEPAGQAFKQNHPESTVFVDNCNVILRAIMEKGGDQDDCVSTTEANELAAKL
TEEQKSTLPLPGQVDFINGGPPCQGFSGMNRFNQSSWSKVQCEMILAFLSFADYFRPRYFLLENVRTFVSFNKGQTFQLT
LASLLEMGYQVRFGILEAGAYGVSQSRKRAFIWAAAPEEVLPEWPEPMHVFGVPKLKISLSQGLHYAAVRSTALGAPFRP
ITVRDTIGDLPSVENGDSRTNKEYKEVAVSWFQKEIRGNTIALTDHICKAMNELNLIRCKLIPTRPGADWHDLPKRKVTL
SDGRVEEMIPFCLPNTAERHNGWKGLYGRLDWQGNFPTSVTDPQPMGKVGMCFHPEQHRILTVRECARSQGFPDSYEFAG
NINHKHRQIGNAVPPPLAFALGRKLKEALHLKKSPQHQP
;
A
2 'polydeoxyribonucleotide' (DA)(DC)(DT)(DT)(DA)(5CM)(DG)(DG)(DA)(DA)(DG)(DG) C
3 'polydeoxyribonucleotide' (DC)(DC)(DT)(DT)(DC)(A1L82)(DG)(DT)(DA)(DA)(DG)(DT) D
#
loop_
_chem_comp.id
_chem_comp.type
_chem_comp.name
_chem_comp.formula
5CM DNA linking 5-METHYL-2'-DEOXY-CYTIDINE-5'-MONOPHOSPHATE 'C10 H16 N3 O7 P'
A1L82 DNA linking '[(2~{R},3~{S},5~{R})-5-[(2~{R},4~{R},5~{S})-4-azanyl-5-fluoranyl-5-methyl-2-oxidanyl-1,3-diazinan-1-yl]-3-oxidanyl-oxolan-2-yl]methyl dihydrogen phosphate' 'C10 H21 F N3 O7 P'
DA DNA linking 2'-DEOXYADENOSINE-5'-MONOPHOSPHATE 'C10 H14 N5 O6 P'
DC DNA linking 2'-DEOXYCYTIDINE-5'-MONOPHOSPHATE 'C9 H14 N3 O7 P'
DG DNA linking 2'-DEOXYGUANOSINE-5'-MONOPHOSPHATE 'C10 H14 N5 O7 P'
DT DNA linking THYMIDINE-5'-MONOPHOSPHATE 'C10 H15 N2 O8 P'
SAH non-polymer S-ADENOSYL-L-HOMOCYSTEINE 'C14 H20 N6 O5 S'
ZN non-polymer 'ZINC ION' 'Zn 2'
#
# COMPACT_ATOMS: atom_id res chain seq x y z
N ALA A 9 -26.91 4.36 -6.20
CA ALA A 9 -27.03 5.26 -7.35
C ALA A 9 -27.24 6.70 -6.90
N MET A 10 -26.54 7.08 -5.84
CA MET A 10 -26.66 8.41 -5.26
C MET A 10 -25.44 9.26 -5.61
N GLN A 11 -25.69 10.52 -5.96
CA GLN A 11 -24.61 11.47 -6.14
C GLN A 11 -23.94 11.73 -4.80
N ALA A 12 -22.61 11.87 -4.83
CA ALA A 12 -21.86 11.99 -3.59
C ALA A 12 -22.18 13.29 -2.87
N THR A 13 -22.28 13.20 -1.55
CA THR A 13 -22.45 14.38 -0.69
C THR A 13 -21.06 14.86 -0.28
N THR A 14 -20.76 16.12 -0.58
CA THR A 14 -19.43 16.65 -0.39
C THR A 14 -19.46 17.97 0.34
N THR A 15 -18.36 18.27 1.03
CA THR A 15 -18.13 19.61 1.54
C THR A 15 -17.75 20.53 0.39
N ARG A 16 -17.86 21.84 0.64
CA ARG A 16 -17.60 22.80 -0.43
C ARG A 16 -16.13 22.82 -0.85
N LEU A 17 -15.21 22.44 0.03
CA LEU A 17 -13.80 22.39 -0.35
C LEU A 17 -13.56 21.30 -1.40
N VAL A 18 -14.04 20.09 -1.14
CA VAL A 18 -13.84 19.00 -2.09
C VAL A 18 -14.63 19.25 -3.37
N ASN A 19 -15.82 19.82 -3.24
CA ASN A 19 -16.61 20.16 -4.42
C ASN A 19 -15.89 21.20 -5.28
N ARG A 20 -15.25 22.18 -4.63
CA ARG A 20 -14.51 23.21 -5.36
C ARG A 20 -13.25 22.62 -6.02
N ILE A 21 -12.58 21.71 -5.32
CA ILE A 21 -11.33 21.15 -5.86
C ILE A 21 -11.61 20.37 -7.15
N TRP A 22 -12.61 19.48 -7.11
CA TRP A 22 -12.85 18.62 -8.26
C TRP A 22 -13.55 19.35 -9.40
N GLY A 23 -14.38 20.34 -9.08
CA GLY A 23 -14.98 21.17 -10.11
C GLY A 23 -15.88 20.37 -11.03
N GLU A 24 -15.59 20.42 -12.33
CA GLU A 24 -16.45 19.80 -13.33
C GLU A 24 -16.48 18.28 -13.22
N PHE A 25 -15.49 17.67 -12.58
CA PHE A 25 -15.45 16.23 -12.40
C PHE A 25 -16.42 15.73 -11.34
N TYR A 26 -17.25 16.62 -10.79
CA TYR A 26 -18.23 16.28 -9.77
C TYR A 26 -19.62 16.48 -10.37
N SER A 27 -20.46 15.44 -10.27
CA SER A 27 -21.78 15.50 -10.89
C SER A 27 -22.65 16.58 -10.27
N ASN A 28 -22.57 16.74 -8.95
CA ASN A 28 -23.37 17.72 -8.21
C ASN A 28 -22.59 19.00 -7.95
N TYR A 29 -21.71 19.39 -8.87
CA TYR A 29 -20.90 20.59 -8.70
C TYR A 29 -21.78 21.83 -8.62
N SER A 30 -21.44 22.72 -7.69
CA SER A 30 -22.20 23.95 -7.50
C SER A 30 -21.33 25.17 -7.78
N ARG A 93 23.43 47.30 -12.09
CA ARG A 93 23.15 46.24 -11.13
C ARG A 93 23.93 46.46 -9.84
N GLU A 94 23.27 47.04 -8.84
CA GLU A 94 23.89 47.30 -7.55
C GLU A 94 23.68 46.12 -6.62
N ILE A 95 24.78 45.57 -6.11
CA ILE A 95 24.75 44.45 -5.18
C ILE A 95 25.53 44.87 -3.94
N LYS A 96 24.89 44.78 -2.78
CA LYS A 96 25.51 45.30 -1.56
C LYS A 96 24.94 44.58 -0.34
N TRP A 97 25.82 44.16 0.56
CA TRP A 97 25.38 43.55 1.80
C TRP A 97 24.55 44.54 2.63
N ASP A 98 23.54 44.01 3.31
CA ASP A 98 22.68 44.80 4.19
C ASP A 98 22.93 44.36 5.62
N GLY A 99 23.51 45.25 6.42
CA GLY A 99 23.84 44.95 7.80
C GLY A 99 25.22 44.34 7.93
N GLU A 100 25.57 44.04 9.18
CA GLU A 100 26.86 43.46 9.49
C GLU A 100 26.77 41.93 9.42
N SER A 101 27.91 41.27 9.67
CA SER A 101 27.96 39.83 9.66
C SER A 101 27.41 39.27 10.98
N LEU A 102 27.28 37.94 11.03
CA LEU A 102 26.79 37.26 12.21
C LEU A 102 27.60 36.02 12.56
N GLY A 103 28.64 35.70 11.80
CA GLY A 103 29.44 34.53 12.09
C GLY A 103 30.31 34.18 10.91
N LYS A 104 31.01 33.05 11.07
CA LYS A 104 31.90 32.53 10.04
C LYS A 104 31.65 31.05 9.84
N THR A 105 31.88 30.59 8.61
CA THR A 105 31.72 29.18 8.29
C THR A 105 32.93 28.38 8.77
N SER A 106 32.93 27.08 8.50
CA SER A 106 34.07 26.24 8.83
C SER A 106 35.30 26.59 8.00
N ALA A 107 35.12 27.28 6.87
CA ALA A 107 36.22 27.72 6.02
C ALA A 107 36.60 29.16 6.25
N GLY A 108 36.14 29.77 7.35
CA GLY A 108 36.44 31.16 7.63
C GLY A 108 35.82 32.15 6.66
N GLU A 109 34.56 31.94 6.28
CA GLU A 109 33.87 32.84 5.37
C GLU A 109 32.78 33.57 6.13
N PRO A 110 32.78 34.91 6.13
CA PRO A 110 31.74 35.64 6.86
C PRO A 110 30.34 35.31 6.33
N LEU A 111 29.40 35.21 7.25
CA LEU A 111 28.01 34.86 6.94
C LEU A 111 27.12 36.08 7.13
N TYR A 112 26.30 36.38 6.13
CA TYR A 112 25.37 37.50 6.20
C TYR A 112 23.95 36.99 6.08
N GLN A 113 23.00 37.83 6.48
CA GLN A 113 21.59 37.49 6.47
C GLN A 113 20.77 38.31 5.47
N GLN A 114 21.23 39.49 5.12
CA GLN A 114 20.44 40.42 4.32
C GLN A 114 21.32 41.06 3.25
N ALA A 115 20.72 41.37 2.11
CA ALA A 115 21.45 41.98 1.01
C ALA A 115 20.49 42.69 0.08
N LEU A 116 21.04 43.56 -0.78
CA LEU A 116 20.31 44.24 -1.82
C LEU A 116 20.93 43.87 -3.17
N VAL A 117 20.08 43.44 -4.10
CA VAL A 117 20.53 43.05 -5.44
C VAL A 117 19.72 43.88 -6.42
N GLY A 118 20.27 45.03 -6.82
CA GLY A 118 19.58 45.89 -7.76
C GLY A 118 18.30 46.51 -7.23
N GLY A 119 18.29 46.86 -5.95
CA GLY A 119 17.14 47.51 -5.35
C GLY A 119 16.23 46.58 -4.58
N GLU A 120 15.97 45.40 -5.13
CA GLU A 120 15.14 44.42 -4.44
C GLU A 120 15.92 43.77 -3.30
N MET A 121 15.17 43.28 -2.32
CA MET A 121 15.73 42.88 -1.03
C MET A 121 15.81 41.37 -0.95
N VAL A 122 16.98 40.84 -0.61
CA VAL A 122 17.21 39.41 -0.46
C VAL A 122 17.51 39.13 1.01
N ALA A 123 16.84 38.11 1.56
CA ALA A 123 17.04 37.74 2.95
C ALA A 123 17.01 36.23 3.08
N VAL A 124 17.67 35.72 4.12
CA VAL A 124 17.61 34.30 4.42
C VAL A 124 16.21 33.93 4.87
N GLY A 125 15.64 32.90 4.26
CA GLY A 125 14.26 32.55 4.48
C GLY A 125 13.32 32.95 3.37
N GLY A 126 13.77 33.80 2.46
CA GLY A 126 13.00 34.18 1.29
C GLY A 126 13.32 33.29 0.10
N ALA A 127 12.96 33.77 -1.08
CA ALA A 127 13.20 33.05 -2.32
C ALA A 127 13.80 33.98 -3.35
N VAL A 128 14.66 33.40 -4.19
CA VAL A 128 15.31 34.12 -5.28
C VAL A 128 15.01 33.38 -6.59
N THR A 129 15.25 34.07 -7.70
CA THR A 129 14.88 33.59 -9.02
C THR A 129 16.13 33.45 -9.88
N LEU A 130 16.20 32.36 -10.64
CA LEU A 130 17.27 32.12 -11.60
C LEU A 130 16.68 31.85 -12.97
N GLU A 131 17.31 32.44 -13.99
CA GLU A 131 16.86 32.25 -15.36
C GLU A 131 17.08 30.81 -15.82
N VAL A 132 16.18 30.34 -16.68
CA VAL A 132 16.28 28.99 -17.22
C VAL A 132 16.53 29.04 -18.72
N GLU A 137 9.18 28.43 -21.01
CA GLU A 137 10.07 28.09 -19.90
C GLU A 137 9.90 29.09 -18.76
N MET A 138 9.79 28.57 -17.53
CA MET A 138 9.63 29.43 -16.37
C MET A 138 10.90 29.41 -15.52
N PRO A 139 11.27 30.54 -14.92
CA PRO A 139 12.49 30.59 -14.12
C PRO A 139 12.39 29.74 -12.86
N ALA A 140 13.54 29.29 -12.38
CA ALA A 140 13.62 28.45 -11.20
C ALA A 140 13.62 29.30 -9.93
N ILE A 141 13.02 28.78 -8.87
CA ILE A 141 12.92 29.47 -7.59
C ILE A 141 13.74 28.70 -6.56
N TYR A 142 14.54 29.43 -5.79
CA TYR A 142 15.39 28.82 -4.77
C TYR A 142 15.18 29.52 -3.43
N PHE A 143 14.84 28.73 -2.41
CA PHE A 143 14.73 29.23 -1.04
C PHE A 143 16.12 29.43 -0.48
N VAL A 144 16.41 30.64 -0.01
CA VAL A 144 17.76 31.00 0.43
C VAL A 144 18.02 30.39 1.79
N GLU A 145 19.12 29.63 1.90
CA GLU A 145 19.51 29.01 3.17
C GLU A 145 20.57 29.82 3.89
N TYR A 146 21.65 30.20 3.21
CA TYR A 146 22.65 31.07 3.80
C TYR A 146 23.38 31.81 2.69
N MET A 147 23.96 32.96 3.05
CA MET A 147 24.70 33.80 2.13
C MET A 147 26.06 34.12 2.73
N PHE A 148 27.10 34.08 1.90
CA PHE A 148 28.46 34.30 2.37
C PHE A 148 29.30 34.81 1.19
N GLU A 149 30.57 35.11 1.49
CA GLU A 149 31.49 35.59 0.47
C GLU A 149 32.32 34.44 -0.11
N ASP A 152 38.64 36.10 -2.31
CA ASP A 152 38.08 36.15 -3.65
C ASP A 152 37.07 37.29 -3.78
N HIS A 153 36.46 37.65 -2.64
CA HIS A 153 35.50 38.75 -2.56
C HIS A 153 34.30 38.53 -3.49
N CYS A 154 33.94 37.28 -3.73
CA CYS A 154 32.80 36.94 -4.57
C CYS A 154 31.60 36.64 -3.68
N LYS A 155 30.51 37.38 -3.90
CA LYS A 155 29.31 37.18 -3.10
C LYS A 155 28.60 35.91 -3.55
N MET A 156 28.26 35.05 -2.59
CA MET A 156 27.68 33.75 -2.87
C MET A 156 26.34 33.61 -2.16
N LEU A 157 25.57 32.59 -2.59
CA LEU A 157 24.26 32.33 -2.02
C LEU A 157 23.93 30.87 -2.24
N HIS A 158 23.53 30.19 -1.16
CA HIS A 158 23.11 28.80 -1.22
C HIS A 158 21.60 28.73 -1.15
N GLY A 159 21.00 27.95 -2.04
CA GLY A 159 19.55 27.86 -2.10
C GLY A 159 19.02 26.50 -2.43
N ARG A 160 17.92 26.12 -1.80
CA ARG A 160 17.26 24.84 -2.04
C ARG A 160 16.14 25.02 -3.05
N PHE A 161 16.04 24.09 -4.00
CA PHE A 161 15.08 24.22 -5.08
C PHE A 161 13.64 24.16 -4.55
N LEU A 162 12.80 25.06 -5.07
CA LEU A 162 11.37 25.07 -4.76
C LEU A 162 10.62 24.68 -6.04
N GLN A 163 10.22 23.41 -6.12
CA GLN A 163 9.55 22.92 -7.30
C GLN A 163 8.12 23.46 -7.39
N ARG A 164 7.70 23.81 -8.61
CA ARG A 164 6.33 24.19 -8.84
C ARG A 164 5.41 22.97 -8.77
N GLY A 165 4.13 23.23 -8.46
CA GLY A 165 3.19 22.15 -8.32
C GLY A 165 2.91 21.43 -9.63
N SER A 166 2.91 22.14 -10.75
CA SER A 166 2.59 21.53 -12.04
C SER A 166 3.67 20.56 -12.51
N MET A 167 4.87 20.65 -11.96
CA MET A 167 5.97 19.77 -12.35
C MET A 167 6.11 18.57 -11.43
N THR A 168 5.18 18.39 -10.51
CA THR A 168 5.18 17.28 -9.57
C THR A 168 4.18 16.21 -10.03
N VAL A 169 3.94 15.22 -9.18
CA VAL A 169 2.93 14.22 -9.47
C VAL A 169 1.53 14.82 -9.53
N LEU A 170 1.35 16.02 -8.98
CA LEU A 170 0.05 16.67 -8.99
C LEU A 170 -0.40 16.98 -10.41
N GLY A 171 0.52 17.40 -11.27
CA GLY A 171 0.18 17.74 -12.64
C GLY A 171 -0.72 18.96 -12.75
N ASN A 172 -1.88 18.78 -13.39
CA ASN A 172 -2.81 19.89 -13.61
C ASN A 172 -3.72 20.15 -12.43
N ALA A 173 -3.63 19.35 -11.38
CA ALA A 173 -4.46 19.52 -10.19
C ALA A 173 -3.83 20.44 -9.16
N ALA A 174 -2.65 20.99 -9.44
CA ALA A 174 -1.94 21.82 -8.49
C ALA A 174 -2.24 23.30 -8.72
N ASN A 175 -2.09 24.09 -7.65
CA ASN A 175 -2.26 25.53 -7.75
C ASN A 175 -1.03 26.16 -8.41
N GLU A 176 -1.23 27.38 -8.90
CA GLU A 176 -0.14 28.13 -9.52
C GLU A 176 0.70 28.91 -8.51
N ARG A 177 0.27 28.98 -7.26
CA ARG A 177 0.99 29.73 -6.22
C ARG A 177 1.67 28.84 -5.19
N GLU A 178 1.47 27.52 -5.25
CA GLU A 178 2.05 26.63 -4.25
C GLU A 178 3.36 26.06 -4.75
N LEU A 179 4.40 26.17 -3.92
CA LEU A 179 5.71 25.62 -4.19
C LEU A 179 6.03 24.55 -3.15
N PHE A 180 6.80 23.55 -3.57
CA PHE A 180 7.17 22.44 -2.70
C PHE A 180 8.67 22.40 -2.53
N LEU A 181 9.13 22.37 -1.28
CA LEU A 181 10.56 22.29 -1.02
C LEU A 181 11.09 20.92 -1.39
N THR A 182 12.28 20.90 -1.97
CA THR A 182 12.94 19.67 -2.38
C THR A 182 14.28 19.54 -1.67
N ASN A 183 14.95 18.41 -1.91
CA ASN A 183 16.25 18.14 -1.32
C ASN A 183 17.41 18.47 -2.25
N GLU A 184 17.15 19.26 -3.29
CA GLU A 184 18.17 19.70 -4.22
C GLU A 184 18.53 21.16 -3.93
N CYS A 185 19.83 21.44 -3.84
CA CYS A 185 20.30 22.78 -3.53
C CYS A 185 21.53 23.09 -4.36
N MET A 186 21.77 24.38 -4.55
CA MET A 186 22.88 24.85 -5.37
C MET A 186 23.46 26.14 -4.78
N THR A 187 24.72 26.38 -5.10
CA THR A 187 25.42 27.60 -4.71
C THR A 187 25.67 28.43 -5.96
N THR A 188 25.27 29.70 -5.92
CA THR A 188 25.42 30.59 -7.06
C THR A 188 25.81 31.98 -6.59
N GLN A 189 26.45 32.73 -7.48
CA GLN A 189 26.80 34.11 -7.17
C GLN A 189 25.54 34.98 -7.15
N LEU A 190 25.59 36.04 -6.34
CA LEU A 190 24.46 36.96 -6.26
C LEU A 190 24.22 37.71 -7.55
N LYS A 191 25.21 37.75 -8.45
CA LYS A 191 25.04 38.42 -9.73
C LYS A 191 24.12 37.64 -10.66
N ASP A 192 23.96 36.33 -10.44
CA ASP A 192 23.13 35.50 -11.30
C ASP A 192 21.65 35.55 -10.94
N ILE A 193 21.28 36.30 -9.90
CA ILE A 193 19.89 36.36 -9.48
C ILE A 193 19.12 37.27 -10.45
N LYS A 194 18.03 36.74 -11.01
CA LYS A 194 17.17 37.52 -11.89
C LYS A 194 16.27 38.46 -11.09
N GLY A 195 15.84 38.04 -9.90
CA GLY A 195 14.97 38.88 -9.09
C GLY A 195 14.61 38.16 -7.81
N VAL A 196 13.77 38.82 -7.02
CA VAL A 196 13.29 38.30 -5.76
C VAL A 196 11.80 38.02 -5.90
N ALA A 197 11.39 36.80 -5.52
CA ALA A 197 9.99 36.39 -5.60
C ALA A 197 9.33 36.51 -4.24
N SER A 198 8.12 37.06 -4.22
CA SER A 198 7.34 37.11 -3.00
C SER A 198 7.04 35.69 -2.53
N PHE A 199 7.60 35.30 -1.39
CA PHE A 199 7.53 33.91 -0.94
C PHE A 199 7.22 33.88 0.55
N GLU A 200 6.31 33.00 0.95
CA GLU A 200 5.97 32.81 2.35
C GLU A 200 5.90 31.32 2.67
N ILE A 201 6.14 31.00 3.94
CA ILE A 201 5.99 29.64 4.44
C ILE A 201 4.70 29.59 5.25
N ARG A 202 3.80 28.69 4.87
CA ARG A 202 2.48 28.62 5.46
C ARG A 202 2.43 27.47 6.46
N SER A 203 2.06 27.77 7.70
CA SER A 203 1.96 26.77 8.77
C SER A 203 0.70 27.09 9.56
N ARG A 204 -0.42 26.50 9.14
CA ARG A 204 -1.68 26.72 9.83
C ARG A 204 -1.87 25.69 10.95
N PRO A 205 -2.55 26.06 12.03
CA PRO A 205 -2.85 25.08 13.08
C PRO A 205 -3.79 24.00 12.58
N TRP A 206 -3.64 22.81 13.15
CA TRP A 206 -4.42 21.65 12.74
C TRP A 206 -5.52 21.38 13.75
N GLY A 207 -6.66 20.95 13.24
CA GLY A 207 -7.81 20.62 14.08
C GLY A 207 -9.10 20.90 13.35
N HIS A 208 -10.15 20.18 13.77
CA HIS A 208 -11.47 20.38 13.19
C HIS A 208 -12.08 21.73 13.59
N GLN A 209 -11.57 22.35 14.65
CA GLN A 209 -12.11 23.62 15.11
C GLN A 209 -11.59 24.83 14.34
N TYR A 210 -10.57 24.64 13.50
CA TYR A 210 -10.01 25.73 12.70
C TYR A 210 -10.54 25.73 11.27
N ARG A 211 -11.53 24.89 10.96
CA ARG A 211 -11.97 24.74 9.58
C ARG A 211 -12.60 26.03 9.05
N LYS A 212 -13.44 26.68 9.86
CA LYS A 212 -14.10 27.90 9.40
C LYS A 212 -13.12 29.04 9.22
N LYS A 213 -12.17 29.18 10.15
CA LYS A 213 -11.14 30.20 10.00
C LYS A 213 -10.29 29.96 8.76
N ASN A 214 -9.94 28.69 8.51
CA ASN A 214 -9.19 28.36 7.31
C ASN A 214 -10.00 28.67 6.06
N ILE A 215 -11.30 28.42 6.09
CA ILE A 215 -12.16 28.71 4.94
C ILE A 215 -12.17 30.21 4.65
N THR A 216 -12.34 31.02 5.70
CA THR A 216 -12.35 32.47 5.52
C THR A 216 -11.00 32.97 5.01
N ALA A 217 -9.91 32.46 5.58
CA ALA A 217 -8.58 32.87 5.13
C ALA A 217 -8.33 32.48 3.68
N ASP A 218 -8.78 31.29 3.29
CA ASP A 218 -8.61 30.85 1.90
C ASP A 218 -9.43 31.70 0.95
N LYS A 219 -10.66 32.07 1.33
CA LYS A 219 -11.44 32.97 0.50
C LYS A 219 -10.75 34.31 0.33
N LEU A 220 -10.22 34.87 1.42
CA LEU A 220 -9.50 36.14 1.31
C LEU A 220 -8.27 36.00 0.42
N ASP A 221 -7.52 34.91 0.58
CA ASP A 221 -6.33 34.70 -0.24
C ASP A 221 -6.67 34.56 -1.71
N TRP A 222 -7.74 33.83 -2.03
CA TRP A 222 -8.16 33.68 -3.42
C TRP A 222 -8.60 35.01 -4.01
N ALA A 223 -9.34 35.81 -3.23
CA ALA A 223 -9.76 37.12 -3.72
C ALA A 223 -8.54 38.00 -4.01
N ARG A 224 -7.57 38.02 -3.09
CA ARG A 224 -6.37 38.83 -3.31
C ARG A 224 -5.58 38.34 -4.51
N ALA A 225 -5.45 37.03 -4.67
CA ALA A 225 -4.72 36.48 -5.80
C ALA A 225 -5.39 36.83 -7.12
N LEU A 226 -6.72 36.73 -7.18
CA LEU A 226 -7.43 37.09 -8.40
C LEU A 226 -7.28 38.58 -8.68
N GLU A 227 -7.36 39.41 -7.65
CA GLU A 227 -7.18 40.85 -7.85
C GLU A 227 -5.80 41.17 -8.39
N ARG A 228 -4.76 40.53 -7.85
CA ARG A 228 -3.41 40.76 -8.35
C ARG A 228 -3.25 40.25 -9.78
N LYS A 229 -3.85 39.09 -10.09
CA LYS A 229 -3.73 38.55 -11.44
C LYS A 229 -4.44 39.42 -12.47
N VAL A 230 -5.54 40.07 -12.07
CA VAL A 230 -6.26 40.94 -13.00
C VAL A 230 -5.38 42.11 -13.43
N LYS A 231 -4.65 42.71 -12.48
CA LYS A 231 -3.82 43.87 -12.74
C LYS A 231 -2.41 43.52 -13.19
N ASP A 232 -2.12 42.23 -13.40
CA ASP A 232 -0.80 41.77 -13.85
C ASP A 232 0.29 42.18 -12.87
N LEU A 233 0.19 41.65 -11.67
CA LEU A 233 1.16 41.87 -10.60
C LEU A 233 1.93 40.58 -10.32
N PRO A 234 3.15 40.69 -9.78
CA PRO A 234 3.94 39.48 -9.51
C PRO A 234 3.23 38.55 -8.54
N THR A 235 3.39 37.24 -8.78
CA THR A 235 2.72 36.24 -7.97
C THR A 235 3.36 36.12 -6.59
N GLU A 236 2.54 35.78 -5.60
CA GLU A 236 2.98 35.54 -4.24
C GLU A 236 2.85 34.06 -3.95
N TYR A 237 3.98 33.38 -3.81
CA TYR A 237 4.01 31.94 -3.61
C TYR A 237 4.05 31.59 -2.13
N TYR A 238 3.55 30.40 -1.80
CA TYR A 238 3.59 29.88 -0.44
C TYR A 238 4.05 28.43 -0.47
N CYS A 239 4.68 28.02 0.63
CA CYS A 239 5.16 26.65 0.78
C CYS A 239 4.71 26.12 2.13
N LYS A 240 4.16 24.90 2.13
CA LYS A 240 3.73 24.26 3.36
C LYS A 240 4.14 22.79 3.46
N SER A 241 4.67 22.19 2.40
CA SER A 241 5.07 20.79 2.42
C SER A 241 6.36 20.63 1.64
N LEU A 242 7.01 19.49 1.85
CA LEU A 242 8.25 19.14 1.16
C LEU A 242 7.97 17.94 0.26
N TYR A 243 8.30 18.06 -1.02
CA TYR A 243 8.01 17.03 -2.00
C TYR A 243 9.17 16.05 -2.07
N SER A 244 8.91 14.78 -1.74
CA SER A 244 9.92 13.74 -1.81
C SER A 244 9.53 12.71 -2.85
N PRO A 245 10.03 12.84 -4.09
CA PRO A 245 9.75 11.80 -5.09
C PRO A 245 10.51 10.52 -4.85
N GLU A 246 11.65 10.57 -4.14
CA GLU A 246 12.36 9.34 -3.79
C GLU A 246 11.66 8.58 -2.67
N ARG A 247 10.98 9.29 -1.78
CA ARG A 247 10.10 8.66 -0.79
C ARG A 247 8.66 8.60 -1.26
N GLY A 248 8.34 9.22 -2.39
CA GLY A 248 7.02 9.15 -2.97
C GLY A 248 5.93 9.78 -2.12
N GLY A 249 5.98 11.08 -1.94
CA GLY A 249 4.91 11.74 -1.22
C GLY A 249 5.23 13.19 -0.90
N PHE A 250 4.38 13.77 -0.06
CA PHE A 250 4.52 15.13 0.43
C PHE A 250 4.58 15.06 1.95
N PHE A 251 5.67 15.53 2.53
CA PHE A 251 5.92 15.44 3.96
C PHE A 251 5.92 16.83 4.58
N SER A 252 6.02 16.86 5.90
CA SER A 252 5.97 18.11 6.64
C SER A 252 7.29 18.86 6.53
N LEU A 253 7.21 20.18 6.61
CA LEU A 253 8.39 21.02 6.51
C LEU A 253 9.23 20.91 7.78
N PRO A 254 10.52 20.60 7.67
CA PRO A 254 11.41 20.70 8.84
C PRO A 254 11.73 22.15 9.16
N LEU A 255 10.79 22.83 9.85
CA LEU A 255 10.89 24.27 10.01
C LEU A 255 12.12 24.69 10.82
N SER A 256 12.62 23.81 11.68
CA SER A 256 13.79 24.13 12.50
C SER A 256 15.11 23.86 11.78
N ASP A 257 15.07 23.28 10.58
CA ASP A 257 16.28 22.93 9.85
C ASP A 257 16.46 23.74 8.57
N ILE A 258 15.58 24.70 8.30
CA ILE A 258 15.64 25.50 7.08
C ILE A 258 15.80 26.97 7.45
N GLY A 259 16.61 27.68 6.66
CA GLY A 259 16.86 29.09 6.90
C GLY A 259 17.63 29.36 8.18
N ARG A 260 18.61 28.53 8.50
CA ARG A 260 19.38 28.71 9.72
C ARG A 260 20.45 29.79 9.58
N SER A 261 20.94 30.02 8.36
CA SER A 261 21.98 31.02 8.09
C SER A 261 23.23 30.77 8.94
N SER A 262 23.60 29.49 9.07
CA SER A 262 24.76 29.10 9.85
C SER A 262 25.84 28.45 9.01
N GLY A 263 25.70 28.45 7.68
CA GLY A 263 26.65 27.79 6.81
C GLY A 263 26.51 26.30 6.71
N PHE A 264 25.49 25.72 7.33
CA PHE A 264 25.24 24.28 7.30
C PHE A 264 23.87 24.04 6.70
N CYS A 265 23.82 23.22 5.66
CA CYS A 265 22.57 22.88 4.98
C CYS A 265 22.25 21.41 5.25
N THR A 266 21.02 21.16 5.73
CA THR A 266 20.63 19.80 6.08
C THR A 266 20.61 18.89 4.86
N SER A 267 20.14 19.40 3.73
CA SER A 267 20.10 18.60 2.51
C SER A 267 21.51 18.24 2.05
N CYS A 268 22.47 19.15 2.22
CA CYS A 268 23.85 18.87 1.86
C CYS A 268 24.41 17.73 2.70
N LYS A 269 24.17 17.76 4.00
CA LYS A 269 24.64 16.69 4.88
C LYS A 269 23.96 15.37 4.55
N ILE A 270 22.66 15.40 4.24
CA ILE A 270 21.94 14.19 3.87
C ILE A 270 22.53 13.60 2.60
N ARG A 271 22.81 14.45 1.61
CA ARG A 271 23.41 13.98 0.36
C ARG A 271 24.80 13.39 0.60
N GLU A 272 25.60 14.04 1.45
CA GLU A 272 26.93 13.51 1.77
C GLU A 272 26.84 12.15 2.44
N ASP A 273 25.91 12.01 3.40
CA ASP A 273 25.75 10.73 4.08
C ASP A 273 25.27 9.64 3.12
N GLU A 274 24.34 9.99 2.23
CA GLU A 274 23.86 9.00 1.26
C GLU A 274 24.97 8.57 0.31
N GLU A 275 25.80 9.52 -0.12
CA GLU A 275 26.94 9.18 -0.97
C GLU A 275 27.93 8.29 -0.22
N LYS A 276 28.17 8.58 1.05
CA LYS A 276 29.11 7.79 1.84
C LYS A 276 28.60 6.35 2.02
N ARG A 277 27.31 6.19 2.26
CA ARG A 277 26.74 4.86 2.51
C ARG A 277 26.43 4.14 1.20
N SER A 278 27.39 4.11 0.28
CA SER A 278 27.22 3.40 -0.98
C SER A 278 28.41 2.55 -1.39
N THR A 279 29.60 2.77 -0.85
CA THR A 279 30.81 2.09 -1.28
C THR A 279 31.20 0.98 -0.30
N ILE A 280 32.08 0.11 -0.77
CA ILE A 280 32.62 -0.97 0.06
C ILE A 280 33.65 -0.37 1.01
N LYS A 281 33.46 -0.60 2.31
CA LYS A 281 34.33 -0.03 3.33
C LYS A 281 34.70 -1.13 4.33
N LEU A 282 35.89 -1.68 4.18
CA LEU A 282 36.37 -2.68 5.12
C LEU A 282 36.67 -2.01 6.46
N ASN A 283 36.30 -2.69 7.55
CA ASN A 283 36.44 -2.10 8.87
C ASN A 283 37.91 -2.06 9.31
N VAL A 284 38.15 -1.37 10.42
CA VAL A 284 39.51 -1.18 10.91
C VAL A 284 40.13 -2.50 11.34
N SER A 285 39.37 -3.33 12.06
CA SER A 285 39.89 -4.56 12.62
C SER A 285 40.00 -5.70 11.60
N LYS A 286 39.70 -5.43 10.33
CA LYS A 286 39.74 -6.45 9.27
C LYS A 286 38.85 -7.65 9.60
N THR A 287 37.68 -7.36 10.17
CA THR A 287 36.72 -8.39 10.54
C THR A 287 35.33 -8.13 10.00
N GLY A 288 35.09 -6.99 9.35
CA GLY A 288 33.77 -6.69 8.83
C GLY A 288 33.83 -5.58 7.81
N PHE A 289 32.67 -5.23 7.27
CA PHE A 289 32.56 -4.19 6.27
C PHE A 289 31.23 -3.46 6.45
N PHE A 290 30.96 -2.51 5.55
CA PHE A 290 29.83 -1.60 5.68
C PHE A 290 29.02 -1.56 4.39
N ILE A 291 28.66 -2.73 3.88
CA ILE A 291 27.84 -2.80 2.66
C ILE A 291 26.51 -2.09 2.91
N ASN A 292 26.28 -1.00 2.16
CA ASN A 292 25.01 -0.28 2.17
C ASN A 292 24.60 0.12 3.59
N GLY A 293 25.57 0.53 4.39
CA GLY A 293 25.30 0.94 5.76
C GLY A 293 25.23 -0.22 6.74
N ILE A 294 24.83 -1.39 6.25
CA ILE A 294 24.76 -2.57 7.10
C ILE A 294 26.17 -3.00 7.47
N GLU A 295 26.42 -3.22 8.76
CA GLU A 295 27.74 -3.57 9.26
C GLU A 295 27.81 -5.08 9.46
N TYR A 296 28.13 -5.78 8.38
CA TYR A 296 28.36 -7.22 8.45
C TYR A 296 29.67 -7.49 9.19
N SER A 297 29.73 -8.68 9.79
CA SER A 297 30.92 -9.08 10.54
C SER A 297 30.98 -10.60 10.57
N VAL A 298 32.15 -11.13 10.95
CA VAL A 298 32.34 -12.57 11.05
C VAL A 298 31.39 -13.14 12.10
N GLU A 299 30.87 -14.33 11.83
CA GLU A 299 29.93 -15.11 12.64
C GLU A 299 28.49 -14.61 12.51
N ASP A 300 28.24 -13.57 11.71
CA ASP A 300 26.88 -13.12 11.48
C ASP A 300 26.17 -14.03 10.48
N PHE A 301 24.85 -13.94 10.46
CA PHE A 301 24.01 -14.66 9.52
C PHE A 301 23.48 -13.69 8.48
N VAL A 302 23.66 -14.05 7.21
CA VAL A 302 23.41 -13.14 6.10
C VAL A 302 22.52 -13.82 5.06
N TYR A 303 21.90 -12.99 4.23
CA TYR A 303 21.12 -13.43 3.08
C TYR A 303 21.98 -13.38 1.82
N VAL A 304 21.82 -14.38 0.97
CA VAL A 304 22.51 -14.43 -0.31
C VAL A 304 21.46 -14.70 -1.39
N ASN A 305 21.55 -13.99 -2.51
CA ASN A 305 20.63 -14.22 -3.60
C ASN A 305 20.76 -15.65 -4.10
N PRO A 306 19.65 -16.37 -4.30
CA PRO A 306 19.75 -17.78 -4.72
C PRO A 306 20.43 -17.98 -6.06
N ASP A 307 20.47 -16.96 -6.91
CA ASP A 307 21.16 -17.05 -8.19
C ASP A 307 22.65 -16.79 -8.08
N SER A 308 23.14 -16.35 -6.93
CA SER A 308 24.55 -16.07 -6.72
C SER A 308 25.32 -17.23 -6.11
N ILE A 309 24.63 -18.22 -5.54
CA ILE A 309 25.30 -19.34 -4.90
C ILE A 309 25.79 -20.32 -5.94
N SER A 319 5.57 -22.38 -17.53
CA SER A 319 4.70 -21.82 -16.52
C SER A 319 3.30 -21.58 -17.08
N PHE A 320 2.30 -21.62 -16.21
CA PHE A 320 0.92 -21.44 -16.62
C PHE A 320 0.25 -20.31 -15.83
N LYS A 321 -1.05 -20.12 -16.03
CA LYS A 321 -1.78 -19.09 -15.31
C LYS A 321 -1.88 -19.45 -13.83
N SER A 322 -1.62 -18.47 -12.97
CA SER A 322 -1.67 -18.64 -11.51
C SER A 322 -0.69 -19.72 -11.06
N GLY A 323 0.42 -19.88 -11.76
CA GLY A 323 1.44 -20.85 -11.40
C GLY A 323 2.84 -20.35 -11.66
N ARG A 324 3.02 -19.04 -11.66
CA ARG A 324 4.29 -18.43 -12.03
C ARG A 324 5.28 -18.37 -10.88
N ASN A 325 4.90 -18.80 -9.68
CA ASN A 325 5.81 -18.83 -8.55
C ASN A 325 6.54 -20.16 -8.42
N ILE A 326 6.20 -21.15 -9.25
CA ILE A 326 6.89 -22.44 -9.21
C ILE A 326 8.29 -22.28 -9.80
N GLY A 327 9.28 -22.78 -9.08
CA GLY A 327 10.66 -22.59 -9.45
C GLY A 327 11.32 -21.36 -8.86
N LEU A 328 10.56 -20.53 -8.16
CA LEU A 328 11.11 -19.35 -7.50
C LEU A 328 11.67 -19.73 -6.13
N ARG A 329 12.91 -19.36 -5.88
CA ARG A 329 13.60 -19.71 -4.66
C ARG A 329 13.71 -18.50 -3.74
N ALA A 330 13.95 -18.77 -2.46
CA ALA A 330 14.05 -17.75 -1.45
C ALA A 330 15.53 -17.44 -1.16
N TYR A 331 15.76 -16.49 -0.25
CA TYR A 331 17.11 -16.16 0.14
C TYR A 331 17.83 -17.37 0.71
N VAL A 332 19.09 -17.55 0.29
CA VAL A 332 19.94 -18.57 0.88
C VAL A 332 20.57 -17.98 2.13
N VAL A 333 20.28 -18.59 3.28
CA VAL A 333 20.81 -18.12 4.55
C VAL A 333 22.19 -18.73 4.75
N CYS A 334 23.17 -17.87 5.02
CA CYS A 334 24.55 -18.30 5.19
C CYS A 334 25.12 -17.69 6.46
N GLN A 335 26.25 -18.22 6.91
CA GLN A 335 26.99 -17.66 8.04
C GLN A 335 28.31 -17.11 7.55
N LEU A 336 28.57 -15.83 7.84
CA LEU A 336 29.82 -15.19 7.45
C LEU A 336 30.97 -15.85 8.19
N LEU A 337 31.79 -16.63 7.47
CA LEU A 337 32.86 -17.37 8.09
C LEU A 337 34.19 -16.63 8.07
N GLU A 338 34.58 -16.08 6.91
CA GLU A 338 35.89 -15.47 6.80
C GLU A 338 35.87 -14.35 5.77
N ILE A 339 36.82 -13.43 5.92
CA ILE A 339 37.04 -12.37 4.94
C ILE A 339 38.30 -12.69 4.16
N VAL A 340 38.14 -13.36 3.02
CA VAL A 340 39.27 -13.80 2.22
C VAL A 340 39.83 -12.62 1.44
N PRO A 341 41.11 -12.29 1.59
CA PRO A 341 41.68 -11.18 0.82
C PRO A 341 41.82 -11.55 -0.66
N LYS A 342 41.79 -10.51 -1.50
CA LYS A 342 41.92 -10.70 -2.93
C LYS A 342 43.23 -10.13 -3.45
N SER A 351 38.09 -4.51 -2.00
CA SER A 351 38.78 -5.53 -2.79
C SER A 351 39.01 -6.80 -1.96
N PHE A 352 37.93 -7.53 -1.71
CA PHE A 352 38.01 -8.76 -0.93
C PHE A 352 36.80 -9.62 -1.28
N ASP A 353 36.81 -10.84 -0.75
CA ASP A 353 35.70 -11.78 -0.90
C ASP A 353 35.31 -12.30 0.47
N VAL A 354 34.12 -12.90 0.56
CA VAL A 354 33.60 -13.43 1.80
C VAL A 354 33.39 -14.93 1.64
N LYS A 355 33.94 -15.69 2.57
CA LYS A 355 33.73 -17.13 2.65
C LYS A 355 32.62 -17.40 3.65
N VAL A 356 31.56 -18.08 3.20
CA VAL A 356 30.38 -18.32 4.02
C VAL A 356 30.07 -19.81 4.04
N ARG A 357 29.32 -20.22 5.05
CA ARG A 357 28.74 -21.55 5.12
C ARG A 357 27.39 -21.52 4.39
N ARG A 358 26.59 -22.58 4.52
CA ARG A 358 25.29 -22.60 3.87
C ARG A 358 24.26 -23.29 4.74
N PHE A 359 23.01 -22.88 4.57
CA PHE A 359 21.85 -23.48 5.21
C PHE A 359 20.86 -23.92 4.15
N TYR A 360 20.26 -25.09 4.32
CA TYR A 360 19.27 -25.61 3.39
C TYR A 360 17.88 -25.42 3.98
N ARG A 361 16.94 -25.05 3.12
CA ARG A 361 15.54 -24.93 3.50
C ARG A 361 14.82 -26.24 3.24
N PRO A 362 13.66 -26.44 3.88
CA PRO A 362 12.88 -27.65 3.61
C PRO A 362 12.50 -27.83 2.15
N GLU A 363 12.24 -26.74 1.43
CA GLU A 363 11.90 -26.83 0.01
C GLU A 363 13.06 -27.29 -0.85
N ASP A 364 14.29 -27.27 -0.33
CA ASP A 364 15.44 -27.79 -1.05
C ASP A 364 15.50 -29.31 -1.02
N VAL A 365 14.70 -29.96 -0.19
CA VAL A 365 14.66 -31.42 -0.12
C VAL A 365 13.60 -31.93 -1.09
N SER A 366 12.35 -31.53 -0.88
CA SER A 366 11.26 -31.92 -1.75
C SER A 366 10.08 -30.98 -1.51
N ALA A 367 9.11 -31.04 -2.41
CA ALA A 367 7.91 -30.23 -2.25
C ALA A 367 6.99 -30.76 -1.17
N GLU A 368 7.07 -32.06 -0.85
CA GLU A 368 6.28 -32.62 0.22
C GLU A 368 6.86 -32.29 1.59
N LYS A 369 8.18 -32.12 1.67
CA LYS A 369 8.79 -31.70 2.93
C LYS A 369 8.56 -30.22 3.21
N ALA A 370 8.52 -29.39 2.17
CA ALA A 370 8.19 -27.98 2.36
C ALA A 370 6.74 -27.80 2.80
N TYR A 371 5.86 -28.71 2.40
CA TYR A 371 4.46 -28.62 2.81
C TYR A 371 4.32 -28.79 4.31
N ALA A 372 4.90 -29.86 4.86
CA ALA A 372 4.79 -30.15 6.29
C ALA A 372 6.06 -29.67 7.01
N SER A 373 6.25 -28.35 7.01
CA SER A 373 7.40 -27.77 7.69
C SER A 373 7.10 -26.32 8.04
N ASP A 374 7.75 -25.85 9.09
CA ASP A 374 7.65 -24.46 9.48
C ASP A 374 8.33 -23.57 8.45
N ILE A 375 7.77 -22.37 8.25
CA ILE A 375 8.32 -21.42 7.30
C ILE A 375 9.67 -20.85 7.73
N GLN A 376 10.04 -21.03 8.99
CA GLN A 376 11.27 -20.47 9.54
C GLN A 376 12.32 -21.53 9.84
N GLU A 377 12.18 -22.74 9.29
CA GLU A 377 13.09 -23.83 9.57
C GLU A 377 14.25 -23.84 8.59
N LEU A 378 15.45 -24.14 9.11
CA LEU A 378 16.64 -24.29 8.28
C LEU A 378 17.34 -25.59 8.62
N TYR A 379 18.19 -26.05 7.71
CA TYR A 379 18.96 -27.27 7.89
C TYR A 379 20.45 -26.93 7.89
N PHE A 380 21.17 -27.43 8.89
CA PHE A 380 22.61 -27.20 8.97
C PHE A 380 23.32 -27.99 7.87
N SER A 381 24.33 -27.38 7.27
CA SER A 381 25.16 -28.02 6.27
C SER A 381 26.59 -27.54 6.40
N GLN A 382 27.49 -28.21 5.72
CA GLN A 382 28.93 -27.92 5.77
C GLN A 382 29.47 -27.55 4.39
N ASP A 383 28.67 -26.85 3.60
CA ASP A 383 29.08 -26.37 2.29
C ASP A 383 29.47 -24.89 2.38
N THR A 384 30.68 -24.57 1.95
CA THR A 384 31.20 -23.21 2.00
C THR A 384 31.36 -22.65 0.59
N VAL A 385 30.97 -21.39 0.43
CA VAL A 385 31.05 -20.70 -0.86
C VAL A 385 31.80 -19.40 -0.66
N VAL A 386 32.65 -19.05 -1.62
CA VAL A 386 33.35 -17.77 -1.65
C VAL A 386 32.61 -16.86 -2.63
N LEU A 387 32.17 -15.71 -2.14
CA LEU A 387 31.31 -14.79 -2.88
C LEU A 387 31.86 -13.38 -2.84
N PRO A 388 31.53 -12.55 -3.82
CA PRO A 388 31.83 -11.13 -3.71
C PRO A 388 31.01 -10.50 -2.61
N PRO A 389 31.52 -9.43 -1.98
CA PRO A 389 30.76 -8.80 -0.88
C PRO A 389 29.43 -8.22 -1.32
N GLY A 390 29.24 -7.94 -2.60
CA GLY A 390 28.00 -7.40 -3.09
C GLY A 390 26.87 -8.38 -3.26
N ALA A 391 27.12 -9.67 -3.02
CA ALA A 391 26.08 -10.68 -3.13
C ALA A 391 25.22 -10.78 -1.87
N LEU A 392 25.63 -10.16 -0.77
CA LEU A 392 24.86 -10.20 0.46
C LEU A 392 23.66 -9.27 0.36
N GLU A 393 22.50 -9.76 0.81
CA GLU A 393 21.24 -9.03 0.67
C GLU A 393 20.65 -8.61 2.01
N GLY A 394 21.33 -8.85 3.12
CA GLY A 394 20.83 -8.44 4.41
C GLY A 394 21.35 -9.36 5.50
N LYS A 395 20.79 -9.18 6.69
CA LYS A 395 21.18 -9.95 7.87
C LYS A 395 19.96 -10.62 8.47
N CYS A 396 20.21 -11.69 9.23
CA CYS A 396 19.16 -12.43 9.90
C CYS A 396 19.75 -13.09 11.15
N GLU A 397 18.89 -13.76 11.90
CA GLU A 397 19.29 -14.51 13.08
C GLU A 397 18.91 -15.98 12.90
N VAL A 398 19.75 -16.87 13.41
CA VAL A 398 19.49 -18.31 13.38
C VAL A 398 19.65 -18.81 14.82
N ARG A 399 18.56 -19.31 15.39
CA ARG A 399 18.52 -19.78 16.76
C ARG A 399 18.25 -21.28 16.79
N LYS A 400 18.06 -21.81 18.00
CA LYS A 400 17.52 -23.14 18.19
C LYS A 400 16.00 -23.05 18.37
N LYS A 401 15.34 -24.21 18.33
CA LYS A 401 13.90 -24.23 18.51
C LYS A 401 13.49 -23.80 19.91
N SER A 402 14.39 -23.89 20.89
CA SER A 402 14.05 -23.50 22.26
C SER A 402 14.04 -21.99 22.45
N ASP A 403 14.87 -21.25 21.70
CA ASP A 403 15.03 -19.81 21.91
C ASP A 403 14.21 -18.98 20.94
N MET A 404 13.29 -19.58 20.20
CA MET A 404 12.45 -18.82 19.29
C MET A 404 11.50 -17.90 20.07
N PRO A 405 11.13 -16.77 19.49
CA PRO A 405 10.24 -15.84 20.19
C PRO A 405 8.89 -16.48 20.51
N LEU A 406 8.36 -16.13 21.67
CA LEU A 406 7.08 -16.69 22.11
C LEU A 406 5.93 -16.15 21.28
N SER A 407 5.98 -14.87 20.92
CA SER A 407 4.91 -14.28 20.11
C SER A 407 4.96 -14.80 18.68
N ARG A 408 3.79 -15.21 18.17
CA ARG A 408 3.66 -15.72 16.81
C ARG A 408 2.59 -14.91 16.09
N GLU A 409 2.95 -14.35 14.94
CA GLU A 409 2.05 -13.53 14.14
C GLU A 409 1.87 -14.16 12.75
N TYR A 410 0.71 -13.91 12.13
CA TYR A 410 0.50 -14.34 10.75
C TYR A 410 1.51 -13.63 9.84
N PRO A 411 1.43 -12.29 9.64
CA PRO A 411 2.45 -11.66 8.79
C PRO A 411 3.76 -11.58 9.55
N ILE A 412 4.70 -12.47 9.21
CA ILE A 412 5.94 -12.59 9.96
C ILE A 412 6.87 -11.49 9.50
N SER A 413 7.28 -10.64 10.42
CA SER A 413 8.22 -9.57 10.15
C SER A 413 9.57 -9.80 10.83
N ASP A 414 9.72 -10.91 11.55
CA ASP A 414 10.97 -11.21 12.23
C ASP A 414 11.91 -11.95 11.27
N HIS A 415 13.12 -11.44 11.13
CA HIS A 415 14.15 -12.10 10.32
C HIS A 415 14.89 -13.13 11.17
N ILE A 416 14.10 -14.05 11.76
CA ILE A 416 14.61 -15.06 12.67
C ILE A 416 14.23 -16.43 12.14
N PHE A 417 15.20 -17.32 12.05
CA PHE A 417 15.01 -18.72 11.67
C PHE A 417 15.53 -19.60 12.80
N PHE A 418 15.19 -20.88 12.74
CA PHE A 418 15.71 -21.84 13.71
C PHE A 418 16.25 -23.05 12.97
N CYS A 419 17.33 -23.62 13.52
CA CYS A 419 17.99 -24.78 12.95
C CYS A 419 18.00 -25.90 13.98
N ASP A 420 17.51 -27.07 13.58
CA ASP A 420 17.44 -28.21 14.49
C ASP A 420 18.05 -29.46 13.87
N LEU A 421 17.99 -29.59 12.55
CA LEU A 421 18.42 -30.78 11.84
C LEU A 421 19.66 -30.48 11.02
N PHE A 422 20.21 -31.53 10.40
CA PHE A 422 21.39 -31.43 9.55
C PHE A 422 21.06 -32.13 8.24
N PHE A 423 21.27 -31.43 7.13
CA PHE A 423 21.01 -31.96 5.80
C PHE A 423 22.33 -32.39 5.18
N ASP A 424 22.43 -33.68 4.85
CA ASP A 424 23.62 -34.23 4.20
C ASP A 424 23.48 -34.03 2.70
N THR A 425 24.33 -33.19 2.12
CA THR A 425 24.21 -32.87 0.69
C THR A 425 24.44 -34.09 -0.17
N SER A 426 25.44 -34.91 0.16
CA SER A 426 25.77 -36.06 -0.67
C SER A 426 24.68 -37.12 -0.61
N LYS A 427 24.41 -37.65 0.59
CA LYS A 427 23.40 -38.69 0.73
C LYS A 427 22.00 -38.17 0.46
N GLY A 428 21.70 -36.96 0.91
CA GLY A 428 20.35 -36.43 0.84
C GLY A 428 19.50 -36.68 2.06
N SER A 429 20.10 -37.08 3.17
CA SER A 429 19.36 -37.43 4.38
C SER A 429 19.28 -36.25 5.33
N LEU A 430 18.41 -36.38 6.32
CA LEU A 430 18.18 -35.36 7.34
C LEU A 430 18.39 -36.01 8.70
N LYS A 431 19.54 -35.76 9.31
CA LYS A 431 19.88 -36.33 10.61
C LYS A 431 19.77 -35.25 11.70
N GLN A 432 20.09 -35.63 12.92
CA GLN A 432 20.07 -34.71 14.04
C GLN A 432 21.39 -33.97 14.14
N LEU A 433 21.33 -32.78 14.72
CA LEU A 433 22.53 -31.94 14.87
C LEU A 433 23.48 -32.57 15.88
N PRO A 434 24.75 -32.82 15.51
CA PRO A 434 25.75 -33.41 16.41
C PRO A 434 26.01 -32.55 17.65
N LYS A 440 27.36 -22.22 16.24
CA LYS A 440 27.37 -20.84 16.74
C LYS A 440 26.07 -20.12 16.37
N PHE A 441 25.00 -20.45 17.08
CA PHE A 441 23.69 -19.86 16.82
C PHE A 441 23.59 -18.51 17.53
N SER A 442 22.40 -17.93 17.54
CA SER A 442 22.15 -16.65 18.17
C SER A 442 21.44 -16.83 19.51
N THR A 443 21.74 -15.93 20.44
CA THR A 443 21.14 -15.96 21.76
C THR A 443 19.81 -15.21 21.80
N GLU A 475 -3.12 2.50 24.71
CA GLU A 475 -2.28 3.69 24.80
C GLU A 475 -2.29 4.46 23.49
N ILE A 476 -2.16 3.73 22.37
CA ILE A 476 -2.07 4.33 21.05
C ILE A 476 -3.24 3.92 20.16
N ARG A 477 -4.27 3.31 20.72
CA ARG A 477 -5.44 2.94 19.93
C ARG A 477 -6.25 4.20 19.60
N LEU A 478 -6.61 4.33 18.32
CA LEU A 478 -7.33 5.49 17.83
C LEU A 478 -8.80 5.15 17.61
N ALA A 479 -9.68 6.06 18.04
CA ALA A 479 -11.10 5.90 17.74
C ALA A 479 -11.32 5.98 16.24
N THR A 480 -11.89 4.92 15.67
CA THR A 480 -11.85 4.69 14.24
C THR A 480 -13.23 4.76 13.62
N LEU A 481 -13.28 5.35 12.42
CA LEU A 481 -14.48 5.37 11.59
C LEU A 481 -14.12 4.68 10.27
N ASP A 482 -14.83 3.60 9.95
CA ASP A 482 -14.58 2.79 8.77
C ASP A 482 -15.72 3.00 7.78
N ILE A 483 -15.47 3.78 6.74
CA ILE A 483 -16.46 4.00 5.69
C ILE A 483 -16.23 2.97 4.60
N PHE A 484 -17.34 2.45 4.04
CA PHE A 484 -17.32 1.30 3.14
C PHE A 484 -16.66 0.10 3.85
N ALA A 485 -17.28 -0.28 4.97
CA ALA A 485 -16.66 -1.25 5.86
C ALA A 485 -16.67 -2.65 5.27
N GLY A 486 -17.76 -3.05 4.63
CA GLY A 486 -17.86 -4.42 4.13
C GLY A 486 -18.02 -5.39 5.29
N CYS A 487 -17.40 -6.57 5.14
CA CYS A 487 -17.42 -7.57 6.19
C CYS A 487 -16.35 -7.33 7.25
N GLY A 488 -15.48 -6.35 7.06
CA GLY A 488 -14.47 -6.04 8.04
C GLY A 488 -13.13 -6.72 7.80
N GLY A 489 -12.61 -6.62 6.59
CA GLY A 489 -11.30 -7.15 6.30
C GLY A 489 -10.19 -6.19 6.67
N LEU A 490 -10.41 -4.90 6.41
CA LEU A 490 -9.45 -3.89 6.82
C LEU A 490 -9.52 -3.64 8.32
N SER A 491 -10.73 -3.60 8.88
CA SER A 491 -10.89 -3.33 10.31
C SER A 491 -10.28 -4.44 11.15
N HIS A 492 -10.47 -5.69 10.73
CA HIS A 492 -9.93 -6.81 11.50
C HIS A 492 -8.41 -6.72 11.60
N GLY A 493 -7.73 -6.52 10.48
CA GLY A 493 -6.29 -6.41 10.50
C GLY A 493 -5.80 -5.17 11.23
N LEU A 494 -6.49 -4.04 11.04
CA LEU A 494 -6.07 -2.80 11.69
C LEU A 494 -6.20 -2.88 13.20
N LYS A 495 -7.32 -3.44 13.69
CA LYS A 495 -7.50 -3.57 15.13
C LYS A 495 -6.71 -4.72 15.73
N LYS A 496 -6.32 -5.71 14.92
CA LYS A 496 -5.45 -6.77 15.43
C LYS A 496 -4.04 -6.25 15.66
N ALA A 497 -3.59 -5.29 14.83
CA ALA A 497 -2.27 -4.71 15.03
C ALA A 497 -2.22 -3.87 16.29
N GLY A 498 -3.35 -3.33 16.74
CA GLY A 498 -3.41 -2.54 17.95
C GLY A 498 -3.57 -1.05 17.75
N VAL A 499 -3.93 -0.60 16.55
CA VAL A 499 -4.02 0.83 16.27
C VAL A 499 -5.46 1.29 16.06
N SER A 500 -6.38 0.40 15.72
CA SER A 500 -7.74 0.78 15.38
C SER A 500 -8.72 0.28 16.44
N ASP A 501 -9.81 1.02 16.59
CA ASP A 501 -10.88 0.66 17.51
C ASP A 501 -12.10 0.11 16.80
N ALA A 502 -12.29 0.47 15.53
CA ALA A 502 -13.49 0.13 14.75
C ALA A 502 -14.74 0.58 15.49
N LYS A 503 -14.67 1.79 16.08
CA LYS A 503 -15.78 2.30 16.88
C LYS A 503 -17.02 2.55 16.02
N TRP A 504 -16.83 3.10 14.83
CA TRP A 504 -17.95 3.36 13.94
C TRP A 504 -17.67 2.73 12.57
N ALA A 505 -18.72 2.21 11.95
CA ALA A 505 -18.62 1.63 10.61
C ALA A 505 -19.85 2.02 9.80
N ILE A 506 -19.65 2.23 8.50
CA ILE A 506 -20.71 2.55 7.57
C ILE A 506 -20.66 1.56 6.41
N GLU A 507 -21.78 0.93 6.11
CA GLU A 507 -21.86 -0.05 5.03
C GLU A 507 -23.31 -0.21 4.63
N TYR A 508 -23.64 0.15 3.40
CA TYR A 508 -25.03 0.26 2.97
C TYR A 508 -25.63 -1.06 2.51
N GLU A 509 -24.86 -2.14 2.51
CA GLU A 509 -25.37 -3.46 2.15
C GLU A 509 -25.72 -4.23 3.42
N GLU A 510 -26.94 -4.75 3.47
CA GLU A 510 -27.41 -5.43 4.69
C GLU A 510 -26.60 -6.67 5.03
N PRO A 511 -26.30 -7.60 4.11
CA PRO A 511 -25.50 -8.77 4.51
C PRO A 511 -24.09 -8.41 4.96
N ALA A 512 -23.43 -7.46 4.29
CA ALA A 512 -22.09 -7.07 4.71
C ALA A 512 -22.10 -6.38 6.06
N GLY A 513 -23.10 -5.52 6.30
CA GLY A 513 -23.23 -4.92 7.61
C GLY A 513 -23.52 -5.94 8.70
N GLN A 514 -24.32 -6.95 8.38
CA GLN A 514 -24.58 -8.02 9.34
C GLN A 514 -23.31 -8.80 9.65
N ALA A 515 -22.50 -9.08 8.64
CA ALA A 515 -21.22 -9.76 8.87
C ALA A 515 -20.30 -8.90 9.74
N PHE A 516 -20.24 -7.60 9.47
CA PHE A 516 -19.42 -6.71 10.28
C PHE A 516 -19.88 -6.70 11.73
N LYS A 517 -21.20 -6.61 11.95
CA LYS A 517 -21.73 -6.64 13.30
C LYS A 517 -21.47 -7.98 13.98
N GLN A 518 -21.47 -9.07 13.21
CA GLN A 518 -21.17 -10.38 13.78
C GLN A 518 -19.72 -10.49 14.21
N ASN A 519 -18.80 -9.93 13.42
CA ASN A 519 -17.38 -10.07 13.70
C ASN A 519 -16.83 -8.99 14.62
N HIS A 520 -17.51 -7.85 14.73
CA HIS A 520 -17.12 -6.76 15.61
C HIS A 520 -18.33 -6.38 16.46
N PRO A 521 -18.66 -7.19 17.46
CA PRO A 521 -19.90 -6.94 18.22
C PRO A 521 -19.92 -5.63 18.99
N GLU A 522 -18.75 -5.05 19.31
CA GLU A 522 -18.69 -3.82 20.07
C GLU A 522 -18.67 -2.58 19.18
N SER A 523 -18.94 -2.73 17.88
CA SER A 523 -18.89 -1.63 16.94
C SER A 523 -20.28 -1.08 16.68
N THR A 524 -20.34 0.20 16.33
CA THR A 524 -21.59 0.86 15.95
C THR A 524 -21.64 0.91 14.43
N VAL A 525 -22.54 0.14 13.84
CA VAL A 525 -22.63 -0.03 12.39
C VAL A 525 -23.88 0.66 11.89
N PHE A 526 -23.72 1.54 10.89
CA PHE A 526 -24.83 2.21 10.23
C PHE A 526 -25.01 1.57 8.87
N VAL A 527 -26.12 0.86 8.68
CA VAL A 527 -26.45 0.26 7.39
C VAL A 527 -27.23 1.31 6.62
N ASP A 528 -26.48 2.21 5.98
CA ASP A 528 -27.07 3.34 5.26
C ASP A 528 -26.05 3.85 4.25
N ASN A 529 -26.54 4.68 3.32
CA ASN A 529 -25.66 5.30 2.36
C ASN A 529 -24.71 6.27 3.05
N CYS A 530 -23.46 6.29 2.61
CA CYS A 530 -22.49 7.21 3.18
C CYS A 530 -22.86 8.65 2.89
N ASN A 531 -23.51 8.92 1.75
CA ASN A 531 -23.95 10.26 1.44
C ASN A 531 -25.11 10.72 2.33
N VAL A 532 -25.83 9.78 2.94
CA VAL A 532 -26.88 10.12 3.89
C VAL A 532 -26.31 10.28 5.30
N ILE A 533 -25.37 9.40 5.67
CA ILE A 533 -24.74 9.50 6.98
C ILE A 533 -23.94 10.80 7.09
N LEU A 534 -23.22 11.16 6.02
CA LEU A 534 -22.48 12.42 6.03
C LEU A 534 -23.41 13.61 6.13
N ARG A 535 -24.54 13.57 5.41
CA ARG A 535 -25.51 14.66 5.49
C ARG A 535 -26.08 14.78 6.90
N ALA A 536 -26.39 13.65 7.54
CA ALA A 536 -26.90 13.69 8.90
C ALA A 536 -25.85 14.22 9.87
N ILE A 537 -24.59 13.84 9.68
CA ILE A 537 -23.51 14.30 10.56
C ILE A 537 -23.33 15.81 10.42
N MET A 538 -23.30 16.31 9.18
CA MET A 538 -23.11 17.74 8.95
C MET A 538 -24.31 18.54 9.44
N GLU A 539 -25.53 18.00 9.26
CA GLU A 539 -26.72 18.67 9.76
C GLU A 539 -26.76 18.68 11.29
N LYS A 540 -26.27 17.62 11.92
CA LYS A 540 -26.23 17.58 13.38
C LYS A 540 -25.28 18.65 13.93
N GLY A 541 -24.16 18.87 13.26
CA GLY A 541 -23.21 19.88 13.67
C GLY A 541 -23.54 21.30 13.28
N GLY A 542 -24.65 21.51 12.58
CA GLY A 542 -25.07 22.84 12.19
C GLY A 542 -24.44 23.37 10.93
N ASP A 543 -23.60 22.59 10.25
CA ASP A 543 -22.95 23.04 9.02
C ASP A 543 -23.74 22.62 7.79
N GLN A 544 -24.99 23.10 7.73
CA GLN A 544 -25.83 22.83 6.57
C GLN A 544 -25.44 23.65 5.36
N ASP A 545 -24.77 24.78 5.56
CA ASP A 545 -24.33 25.63 4.46
C ASP A 545 -23.01 25.17 3.84
N ASP A 546 -22.30 24.25 4.50
CA ASP A 546 -21.07 23.69 3.96
C ASP A 546 -21.27 22.31 3.34
N CYS A 547 -22.52 21.90 3.15
CA CYS A 547 -22.86 20.59 2.61
C CYS A 547 -23.45 20.74 1.23
N VAL A 548 -22.89 20.03 0.26
CA VAL A 548 -23.43 19.97 -1.09
C VAL A 548 -24.08 18.61 -1.31
N SER A 549 -25.38 18.53 -1.06
CA SER A 549 -26.09 17.26 -1.09
C SER A 549 -27.35 17.39 -1.95
N THR A 550 -27.79 16.26 -2.48
CA THR A 550 -29.01 16.21 -3.28
C THR A 550 -30.24 16.22 -2.36
N THR A 551 -31.40 16.41 -2.98
CA THR A 551 -32.65 16.42 -2.22
C THR A 551 -32.94 15.06 -1.62
N GLU A 552 -32.61 13.98 -2.35
CA GLU A 552 -32.83 12.63 -1.83
C GLU A 552 -32.03 12.37 -0.57
N ALA A 553 -30.76 12.82 -0.55
CA ALA A 553 -29.93 12.62 0.63
C ALA A 553 -30.50 13.35 1.84
N ASN A 554 -30.95 14.60 1.65
CA ASN A 554 -31.56 15.34 2.74
C ASN A 554 -32.84 14.67 3.23
N GLU A 555 -33.68 14.21 2.29
CA GLU A 555 -34.93 13.57 2.68
C GLU A 555 -34.69 12.28 3.47
N LEU A 556 -33.70 11.50 3.06
CA LEU A 556 -33.41 10.25 3.78
C LEU A 556 -32.71 10.53 5.10
N ALA A 557 -31.90 11.59 5.19
CA ALA A 557 -31.27 11.93 6.45
C ALA A 557 -32.28 12.46 7.45
N ALA A 558 -33.32 13.14 6.98
CA ALA A 558 -34.38 13.61 7.87
C ALA A 558 -35.25 12.47 8.39
N LYS A 559 -35.14 11.27 7.82
CA LYS A 559 -35.95 10.13 8.23
C LYS A 559 -35.17 9.15 9.11
N LEU A 560 -34.18 9.64 9.84
CA LEU A 560 -33.41 8.83 10.77
C LEU A 560 -33.97 9.01 12.18
N THR A 561 -34.18 7.90 12.88
CA THR A 561 -34.70 7.97 14.23
C THR A 561 -33.68 8.61 15.16
N GLU A 562 -34.19 9.22 16.24
CA GLU A 562 -33.32 9.94 17.17
C GLU A 562 -32.30 9.04 17.83
N GLU A 563 -32.56 7.73 17.90
CA GLU A 563 -31.59 6.81 18.48
C GLU A 563 -30.33 6.73 17.62
N GLN A 564 -30.49 6.65 16.30
CA GLN A 564 -29.33 6.58 15.41
C GLN A 564 -28.65 7.94 15.27
N LYS A 565 -29.41 9.03 15.35
CA LYS A 565 -28.83 10.36 15.22
C LYS A 565 -28.14 10.82 16.50
N SER A 566 -28.24 10.06 17.58
CA SER A 566 -27.51 10.36 18.81
C SER A 566 -26.22 9.56 18.93
N THR A 567 -26.09 8.45 18.22
CA THR A 567 -24.87 7.66 18.20
C THR A 567 -23.97 7.99 17.02
N LEU A 568 -24.34 8.96 16.20
CA LEU A 568 -23.52 9.34 15.06
C LEU A 568 -22.22 9.98 15.57
N PRO A 569 -21.09 9.69 14.93
CA PRO A 569 -19.84 10.33 15.34
C PRO A 569 -19.85 11.82 15.02
N LEU A 570 -19.12 12.57 15.85
CA LEU A 570 -18.97 14.00 15.68
C LEU A 570 -17.50 14.34 15.54
N PRO A 571 -17.16 15.43 14.84
CA PRO A 571 -15.75 15.81 14.71
C PRO A 571 -15.12 16.06 16.07
N GLY A 572 -13.87 15.62 16.21
CA GLY A 572 -13.18 15.65 17.48
C GLY A 572 -13.15 14.32 18.20
N GLN A 573 -14.01 13.37 17.81
CA GLN A 573 -14.02 12.04 18.39
C GLN A 573 -13.37 11.00 17.50
N VAL A 574 -13.10 11.32 16.24
CA VAL A 574 -12.53 10.38 15.28
C VAL A 574 -11.07 10.77 15.04
N ASP A 575 -10.16 9.86 15.37
CA ASP A 575 -8.73 10.07 15.16
C ASP A 575 -8.16 9.25 14.01
N PHE A 576 -8.99 8.44 13.34
CA PHE A 576 -8.52 7.58 12.27
C PHE A 576 -9.69 7.25 11.36
N ILE A 577 -9.58 7.60 10.09
CA ILE A 577 -10.59 7.27 9.09
C ILE A 577 -9.92 6.41 8.03
N ASN A 578 -10.39 5.18 7.87
CA ASN A 578 -9.89 4.28 6.84
C ASN A 578 -11.08 3.68 6.09
N GLY A 579 -10.78 2.98 5.02
CA GLY A 579 -11.78 2.32 4.22
C GLY A 579 -11.45 2.42 2.75
N GLY A 580 -11.99 1.47 1.97
CA GLY A 580 -11.78 1.46 0.55
C GLY A 580 -13.06 1.74 -0.21
N PRO A 581 -13.08 2.85 -0.94
CA PRO A 581 -14.23 3.16 -1.79
C PRO A 581 -14.34 2.15 -2.93
N PRO A 582 -15.51 2.02 -3.55
CA PRO A 582 -15.69 0.99 -4.58
C PRO A 582 -14.70 1.15 -5.73
N CYS A 583 -14.20 0.01 -6.21
CA CYS A 583 -13.24 -0.04 -7.30
C CYS A 583 -13.80 -0.58 -8.59
N GLN A 584 -15.08 -0.94 -8.64
CA GLN A 584 -15.65 -1.51 -9.84
C GLN A 584 -15.65 -0.51 -11.01
N GLY A 585 -15.62 0.78 -10.72
CA GLY A 585 -15.50 1.78 -11.78
C GLY A 585 -14.07 2.05 -12.21
N PHE A 586 -13.09 1.67 -11.39
CA PHE A 586 -11.69 1.85 -11.72
C PHE A 586 -11.02 0.59 -12.26
N SER A 587 -11.64 -0.58 -12.08
CA SER A 587 -11.03 -1.82 -12.49
C SER A 587 -10.93 -1.91 -14.00
N GLY A 588 -9.87 -2.58 -14.48
CA GLY A 588 -9.73 -2.82 -15.90
C GLY A 588 -10.64 -3.89 -16.45
N MET A 589 -11.26 -4.68 -15.58
CA MET A 589 -12.25 -5.66 -16.01
C MET A 589 -13.52 -4.99 -16.53
N ASN A 590 -13.81 -3.79 -16.04
CA ASN A 590 -15.06 -3.10 -16.33
C ASN A 590 -15.08 -2.70 -17.80
N ARG A 591 -15.80 -3.48 -18.63
CA ARG A 591 -15.94 -3.12 -20.02
C ARG A 591 -16.73 -1.83 -20.20
N PHE A 592 -17.69 -1.57 -19.31
CA PHE A 592 -18.53 -0.38 -19.38
C PHE A 592 -18.19 0.49 -18.18
N ASN A 593 -17.15 1.31 -18.33
CA ASN A 593 -16.72 2.23 -17.28
C ASN A 593 -17.13 3.67 -17.54
N GLN A 594 -17.89 3.93 -18.62
CA GLN A 594 -18.44 5.25 -18.89
C GLN A 594 -19.96 5.29 -18.66
N SER A 595 -20.54 4.23 -18.12
CA SER A 595 -21.96 4.22 -17.82
C SER A 595 -22.25 5.07 -16.58
N SER A 596 -23.55 5.29 -16.34
CA SER A 596 -23.95 6.05 -15.16
C SER A 596 -23.56 5.35 -13.87
N TRP A 597 -23.72 4.03 -13.83
CA TRP A 597 -23.39 3.27 -12.62
C TRP A 597 -21.91 3.36 -12.29
N SER A 598 -21.05 3.15 -13.30
CA SER A 598 -19.61 3.22 -13.06
C SER A 598 -19.15 4.64 -12.74
N LYS A 599 -19.76 5.64 -13.38
CA LYS A 599 -19.41 7.03 -13.06
C LYS A 599 -19.83 7.41 -11.65
N VAL A 600 -20.97 6.87 -11.18
CA VAL A 600 -21.40 7.13 -9.82
C VAL A 600 -20.49 6.41 -8.82
N GLN A 601 -20.08 5.18 -9.14
CA GLN A 601 -19.19 4.45 -8.25
C GLN A 601 -17.86 5.16 -8.09
N CYS A 602 -17.32 5.73 -9.17
CA CYS A 602 -16.07 6.46 -9.09
C CYS A 602 -16.20 7.76 -8.30
N GLU A 603 -17.42 8.21 -8.04
CA GLU A 603 -17.68 9.44 -7.32
C GLU A 603 -17.69 9.25 -5.81
N MET A 604 -17.59 8.01 -5.33
CA MET A 604 -17.53 7.77 -3.89
C MET A 604 -16.20 8.18 -3.27
N ILE A 605 -15.20 8.50 -4.10
CA ILE A 605 -13.96 9.09 -3.57
C ILE A 605 -14.25 10.43 -2.92
N LEU A 606 -15.13 11.22 -3.54
CA LEU A 606 -15.42 12.56 -3.05
C LEU A 606 -16.10 12.52 -1.68
N ALA A 607 -16.98 11.56 -1.45
CA ALA A 607 -17.61 11.42 -0.13
C ALA A 607 -16.58 11.04 0.93
N PHE A 608 -15.65 10.15 0.58
CA PHE A 608 -14.58 9.76 1.50
C PHE A 608 -13.71 10.96 1.84
N LEU A 609 -13.32 11.73 0.82
CA LEU A 609 -12.51 12.92 1.05
C LEU A 609 -13.28 13.97 1.85
N SER A 610 -14.60 14.02 1.69
CA SER A 610 -15.39 14.98 2.46
C SER A 610 -15.51 14.56 3.91
N PHE A 611 -15.59 13.25 4.17
CA PHE A 611 -15.51 12.76 5.54
C PHE A 611 -14.18 13.15 6.17
N ALA A 612 -13.08 12.95 5.42
CA ALA A 612 -11.77 13.32 5.94
C ALA A 612 -11.67 14.82 6.19
N ASP A 613 -12.22 15.63 5.29
CA ASP A 613 -12.17 17.08 5.45
C ASP A 613 -12.98 17.55 6.64
N TYR A 614 -14.17 16.96 6.84
CA TYR A 614 -15.04 17.40 7.93
C TYR A 614 -14.49 16.97 9.28
N PHE A 615 -14.07 15.70 9.40
CA PHE A 615 -13.64 15.21 10.70
C PHE A 615 -12.20 15.57 11.02
N ARG A 616 -11.37 15.77 10.00
CA ARG A 616 -9.96 16.08 10.17
C ARG A 616 -9.26 15.13 11.15
N PRO A 617 -9.23 13.83 10.85
CA PRO A 617 -8.57 12.89 11.76
C PRO A 617 -7.06 13.04 11.71
N ARG A 618 -6.41 12.46 12.73
CA ARG A 618 -4.95 12.45 12.75
C ARG A 618 -4.40 11.65 11.58
N TYR A 619 -5.02 10.52 11.26
CA TYR A 619 -4.56 9.64 10.20
C TYR A 619 -5.71 9.30 9.26
N PHE A 620 -5.34 8.92 8.05
CA PHE A 620 -6.29 8.65 6.98
C PHE A 620 -5.68 7.60 6.07
N LEU A 621 -6.46 6.58 5.73
CA LEU A 621 -5.98 5.49 4.88
C LEU A 621 -7.01 5.24 3.78
N LEU A 622 -6.52 5.16 2.54
CA LEU A 622 -7.37 4.88 1.39
C LEU A 622 -6.81 3.67 0.65
N GLU A 623 -7.69 2.74 0.27
CA GLU A 623 -7.32 1.57 -0.49
C GLU A 623 -8.17 1.49 -1.75
N ASN A 624 -7.54 1.12 -2.86
CA ASN A 624 -8.25 0.96 -4.12
C ASN A 624 -7.46 -0.01 -5.00
N VAL A 625 -7.96 -0.24 -6.21
CA VAL A 625 -7.22 -1.09 -7.15
C VAL A 625 -6.00 -0.34 -7.67
N ARG A 626 -5.07 -1.11 -8.25
CA ARG A 626 -3.88 -0.49 -8.82
C ARG A 626 -4.23 0.45 -9.97
N THR A 627 -5.29 0.14 -10.72
CA THR A 627 -5.70 0.97 -11.85
C THR A 627 -6.25 2.31 -11.41
N PHE A 628 -6.51 2.51 -10.11
CA PHE A 628 -7.00 3.79 -9.62
C PHE A 628 -6.01 4.92 -9.90
N VAL A 629 -4.71 4.62 -9.87
CA VAL A 629 -3.71 5.66 -10.13
C VAL A 629 -3.53 5.93 -11.61
N SER A 630 -3.95 5.02 -12.48
CA SER A 630 -3.84 5.21 -13.92
C SER A 630 -5.16 5.54 -14.58
N PHE A 631 -6.27 5.49 -13.85
CA PHE A 631 -7.58 5.75 -14.43
C PHE A 631 -7.70 7.20 -14.89
N ASN A 632 -8.24 7.39 -16.10
CA ASN A 632 -8.49 8.70 -16.66
C ASN A 632 -7.21 9.54 -16.71
N LYS A 633 -6.14 8.94 -17.23
CA LYS A 633 -4.82 9.56 -17.31
C LYS A 633 -4.29 9.99 -15.95
N GLY A 634 -4.78 9.36 -14.88
CA GLY A 634 -4.39 9.73 -13.53
C GLY A 634 -5.10 10.93 -12.96
N GLN A 635 -6.03 11.53 -13.72
CA GLN A 635 -6.66 12.77 -13.27
C GLN A 635 -7.46 12.56 -11.99
N THR A 636 -8.05 11.37 -11.80
CA THR A 636 -8.72 11.08 -10.54
C THR A 636 -7.71 10.95 -9.40
N PHE A 637 -6.56 10.33 -9.68
CA PHE A 637 -5.54 10.19 -8.65
C PHE A 637 -4.96 11.53 -8.26
N GLN A 638 -4.57 12.34 -9.25
CA GLN A 638 -3.97 13.64 -8.97
C GLN A 638 -4.95 14.54 -8.22
N LEU A 639 -6.24 14.46 -8.56
CA LEU A 639 -7.23 15.27 -7.87
C LEU A 639 -7.48 14.77 -6.45
N THR A 640 -7.10 13.54 -6.14
CA THR A 640 -7.25 13.05 -4.76
C THR A 640 -6.21 13.70 -3.87
N LEU A 641 -4.93 13.57 -4.22
CA LEU A 641 -3.86 14.19 -3.44
C LEU A 641 -4.06 15.69 -3.34
N ALA A 642 -4.43 16.34 -4.45
CA ALA A 642 -4.69 17.77 -4.43
C ALA A 642 -5.76 18.13 -3.41
N SER A 643 -6.72 17.25 -3.18
CA SER A 643 -7.69 17.48 -2.11
C SER A 643 -7.03 17.36 -0.74
N LEU A 644 -6.29 16.28 -0.53
CA LEU A 644 -5.69 16.03 0.78
C LEU A 644 -4.66 17.11 1.12
N LEU A 645 -3.88 17.54 0.13
CA LEU A 645 -2.94 18.63 0.36
C LEU A 645 -3.66 19.93 0.66
N GLU A 646 -4.87 20.12 0.15
CA GLU A 646 -5.61 21.34 0.41
C GLU A 646 -6.04 21.44 1.87
N MET A 647 -6.37 20.30 2.48
CA MET A 647 -6.75 20.28 3.89
C MET A 647 -5.55 20.52 4.81
N GLY A 648 -4.34 20.39 4.30
CA GLY A 648 -3.14 20.51 5.11
C GLY A 648 -2.55 19.21 5.56
N TYR A 649 -2.66 18.15 4.76
CA TYR A 649 -2.19 16.82 5.13
C TYR A 649 -0.80 16.56 4.58
N GLN A 650 -0.16 15.53 5.13
CA GLN A 650 0.99 14.89 4.50
C GLN A 650 0.49 13.62 3.85
N VAL A 651 0.75 13.48 2.55
CA VAL A 651 0.20 12.41 1.73
C VAL A 651 1.35 11.60 1.15
N ARG A 652 1.26 10.28 1.25
CA ARG A 652 2.17 9.37 0.57
C ARG A 652 1.35 8.27 -0.07
N PHE A 653 1.87 7.72 -1.17
CA PHE A 653 1.13 6.74 -1.96
C PHE A 653 2.04 5.58 -2.31
N GLY A 654 1.42 4.42 -2.55
CA GLY A 654 2.17 3.24 -2.94
C GLY A 654 1.26 2.18 -3.52
N ILE A 655 1.89 1.14 -4.06
CA ILE A 655 1.18 -0.02 -4.58
C ILE A 655 1.82 -1.27 -3.99
N LEU A 656 1.00 -2.12 -3.36
CA LEU A 656 1.48 -3.30 -2.69
C LEU A 656 0.85 -4.55 -3.31
N GLU A 657 1.64 -5.62 -3.33
CA GLU A 657 1.18 -6.93 -3.80
C GLU A 657 0.86 -7.78 -2.58
N ALA A 658 -0.39 -8.23 -2.49
CA ALA A 658 -0.84 -8.97 -1.31
C ALA A 658 -0.16 -10.32 -1.18
N GLY A 659 0.28 -10.91 -2.29
CA GLY A 659 0.87 -12.24 -2.25
C GLY A 659 2.28 -12.27 -1.67
N ALA A 660 2.90 -11.12 -1.48
CA ALA A 660 4.23 -11.05 -0.90
C ALA A 660 4.20 -10.91 0.63
N TYR A 661 3.03 -10.95 1.23
CA TYR A 661 2.89 -10.80 2.67
C TYR A 661 2.29 -12.02 3.36
N GLY A 662 2.07 -13.12 2.65
CA GLY A 662 1.66 -14.35 3.28
C GLY A 662 0.36 -14.95 2.80
N VAL A 663 -0.06 -14.60 1.59
CA VAL A 663 -1.24 -15.21 0.98
C VAL A 663 -0.87 -15.70 -0.41
N SER A 664 -1.63 -16.69 -0.89
CA SER A 664 -1.44 -17.24 -2.23
C SER A 664 -2.46 -16.56 -3.15
N GLN A 665 -2.17 -15.33 -3.54
CA GLN A 665 -3.10 -14.54 -4.33
C GLN A 665 -2.34 -13.42 -5.03
N SER A 666 -2.66 -13.20 -6.30
CA SER A 666 -2.08 -12.11 -7.08
C SER A 666 -3.03 -10.93 -6.99
N ARG A 667 -2.83 -10.09 -5.98
CA ARG A 667 -3.73 -8.97 -5.69
C ARG A 667 -2.89 -7.71 -5.50
N LYS A 668 -2.96 -6.81 -6.48
CA LYS A 668 -2.21 -5.56 -6.44
C LYS A 668 -3.15 -4.43 -6.05
N ARG A 669 -2.83 -3.75 -4.95
CA ARG A 669 -3.72 -2.72 -4.40
C ARG A 669 -2.94 -1.43 -4.17
N ALA A 670 -3.58 -0.31 -4.48
CA ALA A 670 -2.99 1.01 -4.28
C ALA A 670 -3.45 1.59 -2.95
N PHE A 671 -2.49 2.05 -2.16
CA PHE A 671 -2.73 2.59 -0.83
C PHE A 671 -2.29 4.03 -0.77
N ILE A 672 -3.04 4.84 -0.02
CA ILE A 672 -2.72 6.24 0.23
C ILE A 672 -2.77 6.48 1.74
N TRP A 673 -1.65 6.91 2.30
CA TRP A 673 -1.54 7.31 3.69
C TRP A 673 -1.58 8.83 3.77
N ALA A 674 -2.33 9.35 4.75
CA ALA A 674 -2.38 10.78 5.00
C ALA A 674 -2.32 11.00 6.51
N ALA A 675 -1.60 12.05 6.92
CA ALA A 675 -1.42 12.33 8.34
C ALA A 675 -1.43 13.83 8.57
N ALA A 676 -1.75 14.21 9.81
CA ALA A 676 -1.67 15.61 10.20
C ALA A 676 -0.22 16.07 10.19
N PRO A 677 0.02 17.38 10.05
CA PRO A 677 1.41 17.86 9.93
C PRO A 677 2.27 17.54 11.14
N GLU A 678 1.70 17.35 12.32
CA GLU A 678 2.48 17.04 13.51
C GLU A 678 2.68 15.55 13.74
N GLU A 679 2.09 14.70 12.90
CA GLU A 679 2.26 13.26 13.02
C GLU A 679 3.33 12.76 12.05
N VAL A 680 3.67 11.49 12.20
CA VAL A 680 4.70 10.84 11.40
C VAL A 680 4.03 9.93 10.38
N LEU A 681 4.36 10.10 9.11
CA LEU A 681 3.80 9.27 8.07
C LEU A 681 4.30 7.83 8.22
N PRO A 682 3.42 6.84 8.19
CA PRO A 682 3.86 5.45 8.32
C PRO A 682 4.72 5.02 7.14
N GLU A 683 5.64 4.11 7.41
CA GLU A 683 6.46 3.53 6.37
C GLU A 683 5.73 2.36 5.70
N TRP A 684 6.31 1.86 4.61
CA TRP A 684 5.62 0.74 4.00
C TRP A 684 6.13 -0.57 4.58
N PRO A 685 5.24 -1.56 4.75
CA PRO A 685 5.68 -2.85 5.27
C PRO A 685 6.63 -3.55 4.31
N GLU A 686 7.57 -4.30 4.89
CA GLU A 686 8.57 -5.01 4.12
C GLU A 686 8.01 -6.36 3.68
N PRO A 687 7.93 -6.65 2.38
CA PRO A 687 7.48 -7.98 1.95
C PRO A 687 8.50 -9.04 2.31
N MET A 688 8.01 -10.18 2.80
CA MET A 688 8.87 -11.25 3.27
C MET A 688 8.65 -12.59 2.58
N HIS A 689 7.79 -12.64 1.56
CA HIS A 689 7.51 -13.87 0.83
C HIS A 689 7.85 -13.70 -0.64
N VAL A 690 8.46 -14.72 -1.23
CA VAL A 690 8.78 -14.69 -2.65
C VAL A 690 7.49 -14.68 -3.46
N PHE A 691 7.43 -13.79 -4.45
CA PHE A 691 6.27 -13.73 -5.33
C PHE A 691 6.72 -13.22 -6.69
N GLY A 692 6.28 -13.91 -7.75
CA GLY A 692 6.70 -13.56 -9.10
C GLY A 692 6.01 -12.34 -9.66
N VAL A 693 6.24 -11.19 -9.05
CA VAL A 693 5.65 -9.93 -9.50
C VAL A 693 6.75 -8.87 -9.54
N PRO A 694 6.93 -8.17 -10.65
CA PRO A 694 7.98 -7.13 -10.71
C PRO A 694 7.64 -5.91 -9.87
N LYS A 695 8.50 -4.90 -9.89
CA LYS A 695 8.25 -3.70 -9.12
C LYS A 695 7.01 -2.98 -9.65
N LEU A 696 6.11 -2.62 -8.75
CA LEU A 696 4.87 -1.92 -9.10
C LEU A 696 5.11 -0.43 -8.94
N LYS A 697 5.20 0.28 -10.07
CA LYS A 697 5.66 1.66 -10.11
C LYS A 697 4.50 2.61 -10.38
N ILE A 698 4.53 3.75 -9.70
CA ILE A 698 3.63 4.86 -9.98
C ILE A 698 4.43 5.93 -10.72
N SER A 699 3.88 6.42 -11.83
CA SER A 699 4.56 7.42 -12.64
C SER A 699 4.30 8.80 -12.05
N LEU A 700 5.34 9.46 -11.57
CA LEU A 700 5.16 10.76 -10.93
C LEU A 700 5.08 11.88 -11.96
N SER A 701 6.18 12.12 -12.67
CA SER A 701 6.29 13.14 -13.71
C SER A 701 7.71 13.09 -14.26
N GLN A 702 7.90 13.74 -15.40
CA GLN A 702 9.24 13.93 -15.99
C GLN A 702 10.00 12.62 -16.11
N GLY A 703 9.30 11.53 -16.37
CA GLY A 703 9.93 10.24 -16.49
C GLY A 703 10.32 9.58 -15.19
N LEU A 704 9.94 10.16 -14.05
CA LEU A 704 10.25 9.58 -12.75
C LEU A 704 9.20 8.56 -12.36
N HIS A 705 9.63 7.57 -11.57
CA HIS A 705 8.74 6.52 -11.08
C HIS A 705 9.03 6.28 -9.61
N TYR A 706 8.04 5.75 -8.91
CA TYR A 706 8.16 5.40 -7.50
C TYR A 706 7.68 3.98 -7.27
N ALA A 707 8.50 3.18 -6.61
CA ALA A 707 8.12 1.84 -6.17
C ALA A 707 8.13 1.81 -4.65
N ALA A 708 6.97 1.53 -4.05
CA ALA A 708 6.84 1.58 -2.60
C ALA A 708 7.74 0.56 -1.93
N VAL A 709 7.75 -0.67 -2.44
CA VAL A 709 8.53 -1.76 -1.86
C VAL A 709 9.31 -2.45 -2.97
N ARG A 710 10.20 -3.35 -2.57
CA ARG A 710 11.02 -4.10 -3.50
C ARG A 710 10.23 -5.26 -4.11
N SER A 711 10.85 -5.90 -5.11
CA SER A 711 10.30 -7.09 -5.72
C SER A 711 10.98 -8.32 -5.14
N THR A 712 10.18 -9.26 -4.64
CA THR A 712 10.68 -10.45 -3.99
C THR A 712 10.81 -11.64 -4.93
N ALA A 713 10.74 -11.41 -6.24
CA ALA A 713 10.81 -12.51 -7.20
C ALA A 713 12.17 -13.20 -7.18
N LEU A 714 13.25 -12.44 -6.98
CA LEU A 714 14.60 -12.98 -7.00
C LEU A 714 15.10 -13.37 -5.61
N GLY A 715 14.25 -13.30 -4.58
CA GLY A 715 14.67 -13.69 -3.25
C GLY A 715 13.93 -12.96 -2.14
N ALA A 716 13.54 -13.71 -1.11
CA ALA A 716 12.84 -13.16 0.05
C ALA A 716 13.11 -14.06 1.23
N PRO A 717 12.88 -13.58 2.45
CA PRO A 717 13.13 -14.46 3.62
C PRO A 717 12.36 -15.76 3.61
N PHE A 718 11.11 -15.75 3.12
CA PHE A 718 10.25 -16.92 3.20
C PHE A 718 9.76 -17.34 1.82
N ARG A 719 9.43 -18.62 1.69
CA ARG A 719 8.98 -19.18 0.44
C ARG A 719 7.54 -18.75 0.14
N PRO A 720 7.13 -18.80 -1.13
CA PRO A 720 5.75 -18.46 -1.46
C PRO A 720 4.76 -19.47 -0.91
N ILE A 721 3.56 -18.99 -0.61
CA ILE A 721 2.46 -19.83 -0.14
C ILE A 721 1.75 -20.40 -1.36
N THR A 722 1.52 -21.71 -1.35
CA THR A 722 0.90 -22.41 -2.47
C THR A 722 -0.57 -22.71 -2.17
N VAL A 723 -1.24 -23.33 -3.13
CA VAL A 723 -2.65 -23.67 -2.97
C VAL A 723 -2.81 -24.80 -1.96
N ARG A 724 -1.93 -25.80 -1.98
CA ARG A 724 -2.04 -26.90 -1.04
C ARG A 724 -1.74 -26.45 0.39
N ASP A 725 -0.84 -25.48 0.56
CA ASP A 725 -0.63 -24.92 1.89
C ASP A 725 -1.89 -24.24 2.41
N THR A 726 -2.73 -23.75 1.51
CA THR A 726 -3.91 -22.97 1.88
C THR A 726 -5.13 -23.87 2.15
N ILE A 727 -5.46 -24.75 1.21
CA ILE A 727 -6.72 -25.49 1.27
C ILE A 727 -6.47 -26.99 1.22
N GLY A 728 -5.29 -27.43 1.67
CA GLY A 728 -4.93 -28.83 1.56
C GLY A 728 -5.59 -29.75 2.57
N ASP A 729 -6.06 -29.22 3.69
CA ASP A 729 -6.58 -30.04 4.78
C ASP A 729 -8.09 -30.03 4.89
N LEU A 730 -8.80 -29.23 4.10
CA LEU A 730 -10.24 -29.13 4.23
C LEU A 730 -10.92 -30.40 3.70
N PRO A 731 -12.00 -30.84 4.33
CA PRO A 731 -12.69 -32.05 3.85
C PRO A 731 -13.32 -31.84 2.48
N SER A 732 -13.43 -32.94 1.74
CA SER A 732 -13.98 -32.89 0.39
C SER A 732 -15.50 -32.71 0.44
N VAL A 733 -16.01 -31.89 -0.47
CA VAL A 733 -17.44 -31.66 -0.61
C VAL A 733 -17.82 -31.82 -2.08
N GLU A 734 -19.09 -32.08 -2.31
CA GLU A 734 -19.63 -32.27 -3.66
C GLU A 734 -20.22 -30.97 -4.19
N ASN A 735 -20.65 -31.02 -5.45
CA ASN A 735 -21.23 -29.84 -6.09
C ASN A 735 -22.53 -29.45 -5.39
N GLY A 736 -22.69 -28.14 -5.15
CA GLY A 736 -23.91 -27.66 -4.55
C GLY A 736 -24.05 -27.93 -3.06
N ASP A 737 -22.95 -28.17 -2.36
CA ASP A 737 -23.03 -28.38 -0.92
C ASP A 737 -23.51 -27.12 -0.23
N SER A 738 -24.40 -27.30 0.76
CA SER A 738 -25.04 -26.17 1.42
C SER A 738 -25.02 -26.29 2.94
N ARG A 739 -24.20 -27.18 3.49
CA ARG A 739 -24.08 -27.32 4.94
C ARG A 739 -23.16 -26.23 5.47
N THR A 740 -23.74 -25.22 6.12
CA THR A 740 -22.95 -24.10 6.62
C THR A 740 -22.15 -24.44 7.87
N ASN A 741 -22.49 -25.54 8.56
CA ASN A 741 -21.78 -25.96 9.76
C ASN A 741 -21.28 -27.38 9.55
N LYS A 742 -19.97 -27.57 9.67
CA LYS A 742 -19.36 -28.88 9.47
C LYS A 742 -18.31 -29.08 10.56
N GLU A 743 -17.56 -30.18 10.45
CA GLU A 743 -16.48 -30.50 11.38
C GLU A 743 -15.22 -30.80 10.61
N TYR A 744 -14.09 -30.37 11.16
CA TYR A 744 -12.80 -30.68 10.55
C TYR A 744 -12.51 -32.17 10.64
N LYS A 745 -11.98 -32.73 9.55
CA LYS A 745 -11.67 -34.15 9.49
C LYS A 745 -10.21 -34.45 9.80
N GLU A 746 -9.28 -33.78 9.11
CA GLU A 746 -7.86 -33.96 9.34
C GLU A 746 -7.28 -32.79 10.13
N VAL A 747 -6.14 -33.03 10.76
CA VAL A 747 -5.46 -31.99 11.50
C VAL A 747 -4.65 -31.12 10.55
N ALA A 748 -4.33 -29.90 11.00
CA ALA A 748 -3.53 -28.99 10.20
C ALA A 748 -2.12 -29.52 10.02
N VAL A 749 -1.59 -29.40 8.82
CA VAL A 749 -0.28 -29.92 8.47
C VAL A 749 0.70 -28.80 8.15
N SER A 750 0.34 -27.91 7.23
CA SER A 750 1.24 -26.87 6.78
C SER A 750 1.32 -25.73 7.81
N TRP A 751 2.31 -24.86 7.61
CA TRP A 751 2.44 -23.68 8.48
C TRP A 751 1.24 -22.76 8.32
N PHE A 752 0.72 -22.63 7.10
CA PHE A 752 -0.46 -21.80 6.86
C PHE A 752 -1.67 -22.35 7.59
N GLN A 753 -1.90 -23.67 7.50
CA GLN A 753 -3.11 -24.25 8.05
C GLN A 753 -3.12 -24.17 9.58
N LYS A 754 -1.95 -24.26 10.21
CA LYS A 754 -1.88 -24.13 11.66
C LYS A 754 -2.16 -22.70 12.10
N GLU A 755 -1.85 -21.72 11.25
CA GLU A 755 -2.07 -20.32 11.58
C GLU A 755 -3.45 -19.83 11.20
N ILE A 756 -4.07 -20.41 10.17
CA ILE A 756 -5.38 -19.96 9.72
C ILE A 756 -6.52 -20.63 10.49
N ARG A 757 -6.29 -21.81 11.09
CA ARG A 757 -7.32 -22.47 11.87
C ARG A 757 -7.29 -22.03 13.33
N GLY A 758 -6.10 -22.00 13.93
CA GLY A 758 -6.00 -21.59 15.32
C GLY A 758 -6.67 -22.60 16.22
N ASN A 759 -7.57 -22.12 17.07
CA ASN A 759 -8.31 -22.96 18.00
C ASN A 759 -9.73 -23.27 17.52
N THR A 760 -10.05 -22.95 16.27
CA THR A 760 -11.39 -23.18 15.75
C THR A 760 -11.67 -24.68 15.64
N ILE A 761 -12.85 -25.09 16.09
CA ILE A 761 -13.29 -26.48 15.99
C ILE A 761 -14.52 -26.65 15.12
N ALA A 762 -15.15 -25.57 14.68
CA ALA A 762 -16.34 -25.62 13.83
C ALA A 762 -15.97 -25.08 12.45
N LEU A 763 -16.24 -25.88 11.42
CA LEU A 763 -15.99 -25.47 10.05
C LEU A 763 -17.23 -24.76 9.53
N THR A 764 -17.04 -23.53 9.07
CA THR A 764 -18.15 -22.67 8.64
C THR A 764 -17.97 -22.27 7.19
N ASP A 765 -19.08 -22.28 6.45
CA ASP A 765 -19.13 -21.77 5.07
C ASP A 765 -18.22 -22.55 4.13
N HIS A 766 -18.14 -23.87 4.34
CA HIS A 766 -17.50 -24.76 3.38
C HIS A 766 -18.51 -25.23 2.34
N ILE A 767 -19.09 -24.25 1.65
CA ILE A 767 -20.19 -24.46 0.72
C ILE A 767 -19.81 -23.88 -0.64
N CYS A 768 -20.17 -24.60 -1.71
CA CYS A 768 -19.85 -24.19 -3.06
C CYS A 768 -21.12 -23.97 -3.87
N LYS A 769 -21.00 -23.12 -4.89
CA LYS A 769 -22.14 -22.84 -5.76
C LYS A 769 -22.46 -24.04 -6.64
N ALA A 770 -23.74 -24.26 -6.87
CA ALA A 770 -24.19 -25.40 -7.67
C ALA A 770 -24.10 -25.07 -9.16
N MET A 771 -23.47 -25.95 -9.92
CA MET A 771 -23.39 -25.83 -11.36
C MET A 771 -24.46 -26.69 -12.01
N ASN A 772 -24.96 -26.24 -13.16
CA ASN A 772 -26.00 -26.96 -13.87
C ASN A 772 -25.44 -28.24 -14.49
N GLU A 773 -26.30 -28.97 -15.19
CA GLU A 773 -25.91 -30.26 -15.76
C GLU A 773 -24.79 -30.09 -16.78
N LEU A 774 -24.91 -29.09 -17.67
CA LEU A 774 -23.91 -28.90 -18.71
C LEU A 774 -22.57 -28.45 -18.12
N ASN A 775 -22.60 -27.50 -17.19
CA ASN A 775 -21.36 -27.02 -16.59
C ASN A 775 -20.68 -28.11 -15.77
N LEU A 776 -21.47 -28.92 -15.06
CA LEU A 776 -20.89 -30.04 -14.32
C LEU A 776 -20.31 -31.08 -15.26
N ILE A 777 -20.96 -31.31 -16.41
CA ILE A 777 -20.43 -32.24 -17.40
C ILE A 777 -19.09 -31.74 -17.94
N ARG A 778 -19.01 -30.44 -18.22
CA ARG A 778 -17.75 -29.87 -18.69
C ARG A 778 -16.66 -29.94 -17.62
N CYS A 779 -17.04 -29.71 -16.36
CA CYS A 779 -16.06 -29.70 -15.28
C CYS A 779 -15.39 -31.06 -15.11
N LYS A 780 -16.18 -32.14 -15.20
CA LYS A 780 -15.62 -33.48 -15.00
C LYS A 780 -14.67 -33.90 -16.11
N LEU A 781 -14.68 -33.22 -17.26
CA LEU A 781 -13.81 -33.57 -18.37
C LEU A 781 -12.55 -32.73 -18.45
N ILE A 782 -12.34 -31.82 -17.51
CA ILE A 782 -11.10 -31.05 -17.44
C ILE A 782 -10.07 -31.90 -16.70
N PRO A 783 -8.93 -32.19 -17.31
CA PRO A 783 -7.92 -33.03 -16.63
C PRO A 783 -7.41 -32.36 -15.37
N THR A 784 -7.06 -33.19 -14.38
CA THR A 784 -6.54 -32.70 -13.10
C THR A 784 -5.02 -32.57 -13.16
N ARG A 785 -4.57 -31.69 -14.04
CA ARG A 785 -3.16 -31.39 -14.22
C ARG A 785 -2.99 -29.88 -14.29
N PRO A 786 -1.80 -29.37 -13.96
CA PRO A 786 -1.56 -27.93 -14.06
C PRO A 786 -1.72 -27.44 -15.51
N GLY A 787 -2.27 -26.25 -15.65
CA GLY A 787 -2.45 -25.66 -16.96
C GLY A 787 -3.67 -26.14 -17.73
N ALA A 788 -4.54 -26.93 -17.11
CA ALA A 788 -5.72 -27.42 -17.79
C ALA A 788 -6.81 -26.36 -17.80
N ASP A 789 -7.51 -26.25 -18.91
CA ASP A 789 -8.56 -25.25 -19.09
C ASP A 789 -9.52 -25.74 -20.18
N TRP A 790 -10.33 -24.83 -20.71
CA TRP A 790 -11.36 -25.21 -21.67
C TRP A 790 -10.78 -25.77 -22.97
N HIS A 791 -9.49 -25.56 -23.22
CA HIS A 791 -8.88 -26.09 -24.43
C HIS A 791 -8.84 -27.61 -24.46
N ASP A 792 -9.06 -28.28 -23.34
CA ASP A 792 -9.06 -29.74 -23.27
C ASP A 792 -10.45 -30.34 -23.36
N LEU A 793 -11.47 -29.52 -23.63
CA LEU A 793 -12.82 -30.04 -23.77
C LEU A 793 -13.01 -30.67 -25.15
N PRO A 794 -13.43 -31.92 -25.22
CA PRO A 794 -13.64 -32.55 -26.53
C PRO A 794 -14.79 -31.91 -27.29
N LYS A 795 -14.68 -31.92 -28.61
CA LYS A 795 -15.71 -31.36 -29.48
C LYS A 795 -16.78 -32.42 -29.73
N ARG A 796 -17.92 -32.29 -29.07
CA ARG A 796 -19.00 -33.26 -29.19
C ARG A 796 -20.31 -32.60 -28.76
N LYS A 797 -21.41 -33.26 -29.09
CA LYS A 797 -22.74 -32.79 -28.74
C LYS A 797 -23.29 -33.66 -27.61
N VAL A 798 -23.80 -33.03 -26.57
CA VAL A 798 -24.34 -33.72 -25.40
C VAL A 798 -25.85 -33.56 -25.37
N THR A 799 -26.51 -34.53 -24.75
CA THR A 799 -27.96 -34.52 -24.57
C THR A 799 -28.25 -34.51 -23.08
N LEU A 800 -28.86 -33.43 -22.60
CA LEU A 800 -29.17 -33.28 -21.19
C LEU A 800 -30.55 -33.82 -20.85
N ASP A 802 -33.76 -34.15 -19.93
CA ASP A 802 -34.36 -32.89 -20.38
C ASP A 802 -34.65 -32.96 -21.87
N GLY A 803 -33.74 -33.57 -22.63
CA GLY A 803 -33.88 -33.73 -24.06
C GLY A 803 -33.14 -32.71 -24.88
N ARG A 804 -32.69 -31.62 -24.27
CA ARG A 804 -31.95 -30.59 -25.00
C ARG A 804 -30.62 -31.13 -25.49
N VAL A 805 -30.22 -30.70 -26.68
CA VAL A 805 -28.94 -31.06 -27.27
C VAL A 805 -28.10 -29.80 -27.35
N GLU A 806 -26.93 -29.83 -26.71
CA GLU A 806 -26.04 -28.68 -26.64
C GLU A 806 -24.64 -29.09 -27.04
N GLU A 807 -23.77 -28.10 -27.19
CA GLU A 807 -22.37 -28.32 -27.54
C GLU A 807 -21.50 -28.29 -26.30
N MET A 808 -20.55 -29.21 -26.22
CA MET A 808 -19.67 -29.28 -25.06
C MET A 808 -18.84 -28.01 -24.92
N ILE A 809 -18.21 -27.58 -26.01
CA ILE A 809 -17.42 -26.35 -25.99
C ILE A 809 -18.37 -25.15 -26.04
N PRO A 810 -18.26 -24.21 -25.12
CA PRO A 810 -19.10 -23.01 -25.21
C PRO A 810 -18.86 -22.26 -26.51
N PHE A 811 -19.92 -21.68 -27.05
CA PHE A 811 -19.82 -21.01 -28.34
C PHE A 811 -18.98 -19.74 -28.24
N CYS A 812 -19.07 -19.02 -27.13
CA CYS A 812 -18.42 -17.72 -27.02
C CYS A 812 -16.92 -17.81 -26.86
N LEU A 813 -16.38 -18.97 -26.47
CA LEU A 813 -14.96 -19.04 -26.17
C LEU A 813 -14.11 -19.07 -27.45
N PRO A 814 -14.34 -19.99 -28.40
CA PRO A 814 -13.57 -19.92 -29.64
C PRO A 814 -13.99 -18.79 -30.56
N ASN A 815 -15.17 -18.21 -30.33
CA ASN A 815 -15.63 -17.11 -31.18
C ASN A 815 -14.74 -15.88 -31.04
N THR A 816 -14.32 -15.55 -29.82
CA THR A 816 -13.50 -14.38 -29.56
C THR A 816 -12.18 -14.74 -28.89
N ALA A 817 -11.69 -15.96 -29.11
CA ALA A 817 -10.44 -16.39 -28.49
C ALA A 817 -9.23 -15.65 -29.07
N GLU A 818 -9.32 -15.19 -30.31
CA GLU A 818 -8.17 -14.58 -30.95
C GLU A 818 -7.80 -13.24 -30.33
N ARG A 819 -8.79 -12.48 -29.86
CA ARG A 819 -8.53 -11.17 -29.27
C ARG A 819 -8.42 -11.22 -27.74
N HIS A 820 -8.48 -12.40 -27.14
CA HIS A 820 -8.46 -12.52 -25.68
C HIS A 820 -7.47 -13.59 -25.24
N ASN A 821 -6.34 -13.69 -25.94
CA ASN A 821 -5.26 -14.62 -25.60
C ASN A 821 -5.73 -16.07 -25.54
N GLY A 822 -6.78 -16.41 -26.28
CA GLY A 822 -7.32 -17.76 -26.24
C GLY A 822 -8.16 -18.09 -25.04
N TRP A 823 -8.52 -17.08 -24.23
CA TRP A 823 -9.30 -17.28 -23.01
C TRP A 823 -8.62 -18.30 -22.10
N LYS A 824 -7.34 -18.06 -21.83
CA LYS A 824 -6.57 -18.97 -21.00
C LYS A 824 -7.07 -18.91 -19.57
N GLY A 825 -7.24 -20.09 -18.96
CA GLY A 825 -7.70 -20.21 -17.60
C GLY A 825 -9.19 -20.44 -17.45
N LEU A 826 -9.97 -20.26 -18.52
CA LEU A 826 -11.41 -20.44 -18.43
C LEU A 826 -11.73 -21.93 -18.33
N TYR A 827 -12.67 -22.26 -17.44
CA TYR A 827 -12.96 -23.65 -17.10
C TYR A 827 -11.69 -24.36 -16.66
N GLY A 828 -10.84 -23.65 -15.92
CA GLY A 828 -9.52 -24.11 -15.57
C GLY A 828 -9.41 -24.50 -14.11
N ARG A 829 -8.59 -25.51 -13.85
CA ARG A 829 -8.36 -26.01 -12.50
C ARG A 829 -7.19 -25.27 -11.86
N LEU A 830 -7.23 -25.17 -10.54
CA LEU A 830 -6.10 -24.64 -9.81
C LEU A 830 -4.96 -25.66 -9.77
N ASP A 831 -3.76 -25.18 -9.47
CA ASP A 831 -2.58 -26.02 -9.36
C ASP A 831 -2.22 -26.16 -7.89
N TRP A 832 -1.93 -27.39 -7.46
CA TRP A 832 -1.60 -27.64 -6.06
C TRP A 832 -0.38 -26.85 -5.63
N GLN A 833 0.58 -26.64 -6.54
CA GLN A 833 1.80 -25.90 -6.23
C GLN A 833 1.75 -24.46 -6.70
N GLY A 834 0.65 -24.03 -7.30
CA GLY A 834 0.48 -22.66 -7.72
C GLY A 834 -0.18 -21.82 -6.65
N ASN A 835 -0.77 -20.70 -7.07
CA ASN A 835 -1.46 -19.80 -6.17
C ASN A 835 -2.86 -19.53 -6.69
N PHE A 836 -3.72 -19.08 -5.78
CA PHE A 836 -5.05 -18.64 -6.18
C PHE A 836 -4.94 -17.38 -7.03
N PRO A 837 -5.86 -17.18 -7.97
CA PRO A 837 -5.91 -15.93 -8.72
C PRO A 837 -6.59 -14.85 -7.88
N THR A 838 -6.77 -13.68 -8.49
CA THR A 838 -7.42 -12.57 -7.80
C THR A 838 -8.84 -12.95 -7.40
N SER A 839 -9.19 -12.64 -6.15
CA SER A 839 -10.51 -12.98 -5.63
C SER A 839 -11.54 -12.01 -6.18
N VAL A 840 -12.49 -12.53 -6.94
CA VAL A 840 -13.57 -11.74 -7.49
C VAL A 840 -14.83 -11.99 -6.67
N THR A 841 -15.83 -11.12 -6.85
CA THR A 841 -17.07 -11.22 -6.08
C THR A 841 -18.00 -12.31 -6.60
N ASP A 842 -17.72 -12.90 -7.76
CA ASP A 842 -18.57 -13.95 -8.34
C ASP A 842 -17.71 -14.91 -9.13
N PRO A 843 -17.10 -15.88 -8.46
CA PRO A 843 -16.30 -16.88 -9.17
C PRO A 843 -17.16 -17.73 -10.10
N GLN A 844 -16.90 -17.63 -11.39
CA GLN A 844 -17.62 -18.38 -12.40
C GLN A 844 -16.63 -19.15 -13.27
N PRO A 845 -17.05 -20.28 -13.83
CA PRO A 845 -16.15 -20.99 -14.77
C PRO A 845 -15.78 -20.15 -15.98
N MET A 846 -16.76 -19.53 -16.63
CA MET A 846 -16.49 -18.63 -17.75
C MET A 846 -16.56 -17.19 -17.23
N GLY A 847 -15.49 -16.79 -16.55
CA GLY A 847 -15.31 -15.42 -16.13
C GLY A 847 -13.92 -14.96 -16.49
N LYS A 848 -13.70 -13.64 -16.41
CA LYS A 848 -12.44 -13.07 -16.86
C LYS A 848 -11.25 -13.69 -16.13
N VAL A 849 -11.44 -14.11 -14.88
CA VAL A 849 -10.39 -14.87 -14.19
C VAL A 849 -10.37 -16.31 -14.70
N GLY A 850 -11.47 -17.04 -14.49
CA GLY A 850 -11.63 -18.41 -14.96
C GLY A 850 -11.20 -19.51 -14.02
N MET A 851 -10.05 -19.36 -13.37
CA MET A 851 -9.49 -20.42 -12.53
C MET A 851 -10.24 -20.48 -11.21
N CYS A 852 -11.32 -21.26 -11.19
CA CYS A 852 -12.14 -21.42 -10.00
C CYS A 852 -12.42 -22.86 -9.64
N PHE A 853 -11.98 -23.82 -10.45
CA PHE A 853 -12.20 -25.23 -10.14
C PHE A 853 -11.20 -25.74 -9.13
N HIS A 854 -11.61 -26.72 -8.34
CA HIS A 854 -10.72 -27.32 -7.36
C HIS A 854 -9.62 -28.10 -8.09
N PRO A 855 -8.41 -28.16 -7.51
CA PRO A 855 -7.33 -28.91 -8.16
C PRO A 855 -7.63 -30.37 -8.40
N GLU A 856 -8.48 -30.99 -7.57
CA GLU A 856 -8.79 -32.41 -7.69
C GLU A 856 -10.26 -32.75 -7.67
N GLN A 857 -11.13 -31.89 -7.16
CA GLN A 857 -12.55 -32.17 -7.06
C GLN A 857 -13.33 -31.44 -8.14
N HIS A 858 -14.36 -32.10 -8.67
CA HIS A 858 -15.16 -31.56 -9.76
C HIS A 858 -16.20 -30.59 -9.19
N ARG A 859 -15.73 -29.40 -8.83
CA ARG A 859 -16.59 -28.40 -8.22
C ARG A 859 -15.86 -27.06 -8.23
N ILE A 860 -16.61 -26.00 -7.92
CA ILE A 860 -16.03 -24.69 -7.73
C ILE A 860 -15.51 -24.56 -6.31
N LEU A 861 -14.57 -23.64 -6.11
CA LEU A 861 -14.02 -23.39 -4.77
C LEU A 861 -15.13 -22.93 -3.83
N THR A 862 -15.11 -23.45 -2.61
CA THR A 862 -16.12 -23.12 -1.62
C THR A 862 -15.88 -21.70 -1.07
N VAL A 863 -16.82 -21.25 -0.25
CA VAL A 863 -16.70 -19.94 0.37
C VAL A 863 -15.53 -19.91 1.34
N ARG A 864 -15.36 -20.98 2.12
CA ARG A 864 -14.27 -21.03 3.10
C ARG A 864 -12.91 -21.06 2.41
N GLU A 865 -12.80 -21.77 1.29
CA GLU A 865 -11.53 -21.81 0.56
C GLU A 865 -11.19 -20.44 -0.01
N CYS A 866 -12.19 -19.74 -0.56
CA CYS A 866 -11.94 -18.39 -1.07
C CYS A 866 -11.63 -17.42 0.05
N ALA A 867 -12.13 -17.66 1.25
CA ALA A 867 -11.77 -16.82 2.39
C ALA A 867 -10.35 -17.10 2.87
N ARG A 868 -9.95 -18.38 2.86
CA ARG A 868 -8.58 -18.73 3.23
C ARG A 868 -7.58 -18.16 2.23
N SER A 869 -7.95 -18.16 0.95
CA SER A 869 -7.08 -17.57 -0.07
C SER A 869 -6.86 -16.08 0.16
N GLN A 870 -7.78 -15.41 0.86
CA GLN A 870 -7.64 -14.00 1.18
C GLN A 870 -7.01 -13.76 2.55
N GLY A 871 -6.63 -14.81 3.27
CA GLY A 871 -6.03 -14.66 4.58
C GLY A 871 -6.99 -14.55 5.74
N PHE A 872 -8.29 -14.77 5.51
CA PHE A 872 -9.26 -14.69 6.60
C PHE A 872 -9.06 -15.85 7.56
N PRO A 873 -9.06 -15.61 8.86
CA PRO A 873 -9.00 -16.72 9.81
C PRO A 873 -10.27 -17.57 9.74
N ASP A 874 -10.12 -18.85 10.08
CA ASP A 874 -11.24 -19.78 9.99
C ASP A 874 -12.37 -19.45 10.96
N SER A 875 -12.12 -18.60 11.95
CA SER A 875 -13.15 -18.17 12.89
C SER A 875 -13.98 -17.01 12.38
N TYR A 876 -13.64 -16.45 11.21
CA TYR A 876 -14.39 -15.34 10.66
C TYR A 876 -15.73 -15.81 10.12
N GLU A 877 -16.74 -14.95 10.23
CA GLU A 877 -18.10 -15.29 9.84
C GLU A 877 -18.59 -14.37 8.74
N PHE A 878 -19.41 -14.91 7.84
CA PHE A 878 -20.00 -14.16 6.75
C PHE A 878 -21.51 -14.35 6.78
N ALA A 879 -22.23 -13.38 6.21
CA ALA A 879 -23.69 -13.34 6.29
C ALA A 879 -24.30 -13.32 4.90
N GLY A 880 -25.53 -13.78 4.81
CA GLY A 880 -26.26 -13.83 3.56
C GLY A 880 -26.27 -15.21 2.93
N ASN A 881 -26.66 -15.24 1.67
CA ASN A 881 -26.59 -16.47 0.89
C ASN A 881 -25.17 -16.63 0.33
N ILE A 882 -24.96 -17.64 -0.51
CA ILE A 882 -23.61 -17.94 -0.98
C ILE A 882 -23.08 -16.81 -1.86
N ASN A 883 -23.96 -16.19 -2.66
CA ASN A 883 -23.53 -15.05 -3.47
C ASN A 883 -23.10 -13.88 -2.61
N HIS A 884 -23.85 -13.60 -1.54
CA HIS A 884 -23.49 -12.52 -0.64
C HIS A 884 -22.15 -12.78 0.04
N LYS A 885 -21.93 -14.02 0.49
CA LYS A 885 -20.66 -14.36 1.13
C LYS A 885 -19.50 -14.25 0.16
N HIS A 886 -19.69 -14.72 -1.09
CA HIS A 886 -18.63 -14.59 -2.08
C HIS A 886 -18.33 -13.13 -2.38
N ARG A 887 -19.37 -12.29 -2.48
CA ARG A 887 -19.15 -10.87 -2.69
C ARG A 887 -18.41 -10.23 -1.52
N GLN A 888 -18.76 -10.64 -0.30
CA GLN A 888 -18.07 -10.13 0.89
C GLN A 888 -16.59 -10.48 0.86
N ILE A 889 -16.27 -11.73 0.53
CA ILE A 889 -14.87 -12.16 0.54
C ILE A 889 -14.10 -11.48 -0.59
N GLY A 890 -14.67 -11.45 -1.80
CA GLY A 890 -13.95 -10.89 -2.93
C GLY A 890 -13.74 -9.40 -2.86
N ASN A 891 -14.52 -8.69 -2.04
CA ASN A 891 -14.42 -7.26 -1.91
C ASN A 891 -13.44 -6.81 -0.83
N ALA A 892 -12.98 -7.71 0.03
CA ALA A 892 -12.29 -7.33 1.24
C ALA A 892 -10.79 -7.24 1.04
N VAL A 893 -10.16 -6.36 1.81
CA VAL A 893 -8.70 -6.28 1.88
C VAL A 893 -8.18 -7.50 2.63
N PRO A 894 -7.10 -8.13 2.20
CA PRO A 894 -6.53 -9.26 2.95
C PRO A 894 -6.14 -8.84 4.35
N PRO A 895 -6.60 -9.57 5.37
CA PRO A 895 -6.29 -9.21 6.76
C PRO A 895 -4.80 -9.16 7.05
N PRO A 896 -3.96 -10.04 6.47
CA PRO A 896 -2.52 -9.89 6.71
C PRO A 896 -1.94 -8.57 6.23
N LEU A 897 -2.38 -8.08 5.07
CA LEU A 897 -1.90 -6.80 4.57
C LEU A 897 -2.33 -5.67 5.49
N ALA A 898 -3.58 -5.71 5.96
CA ALA A 898 -4.06 -4.72 6.91
C ALA A 898 -3.27 -4.78 8.21
N PHE A 899 -2.90 -5.99 8.65
CA PHE A 899 -2.11 -6.13 9.86
C PHE A 899 -0.72 -5.53 9.69
N ALA A 900 -0.10 -5.73 8.53
CA ALA A 900 1.21 -5.14 8.26
C ALA A 900 1.12 -3.61 8.24
N LEU A 901 0.10 -3.07 7.57
CA LEU A 901 -0.10 -1.63 7.57
C LEU A 901 -0.34 -1.10 8.98
N GLY A 902 -1.10 -1.84 9.79
CA GLY A 902 -1.32 -1.43 11.16
C GLY A 902 -0.06 -1.47 12.00
N ARG A 903 0.80 -2.45 11.75
CA ARG A 903 2.09 -2.49 12.45
C ARG A 903 2.93 -1.27 12.12
N LYS A 904 2.97 -0.90 10.84
CA LYS A 904 3.71 0.31 10.46
C LYS A 904 3.09 1.55 11.09
N LEU A 905 1.76 1.60 11.15
CA LEU A 905 1.08 2.73 11.80
C LEU A 905 1.39 2.77 13.29
N LYS A 906 1.48 1.60 13.93
CA LYS A 906 1.86 1.55 15.34
C LYS A 906 3.26 2.08 15.57
N GLU A 907 4.20 1.69 14.70
CA GLU A 907 5.55 2.24 14.81
C GLU A 907 5.55 3.76 14.61
N ALA A 908 4.78 4.25 13.65
CA ALA A 908 4.69 5.69 13.42
C ALA A 908 4.10 6.40 14.63
N LEU A 909 3.07 5.82 15.24
CA LEU A 909 2.45 6.42 16.42
C LEU A 909 3.42 6.45 17.60
N HIS A 910 4.20 5.38 17.78
CA HIS A 910 5.17 5.38 18.86
C HIS A 910 6.33 6.33 18.58
N LEU A 911 6.59 6.64 17.31
CA LEU A 911 7.66 7.56 16.97
C LEU A 911 7.37 8.97 17.47
N LYS A 912 6.11 9.40 17.40
CA LYS A 912 5.74 10.75 17.81
C LYS A 912 6.00 10.97 19.30
N1 5CM B 6 -17.03 -11.37 -22.90
C2 5CM B 6 -17.09 -10.97 -21.65
N3 5CM B 6 -16.94 -11.80 -20.65
C4 5CM B 6 -16.73 -13.08 -20.88
C5 5CM B 6 -16.66 -13.54 -22.18
C5A 5CM B 6 -16.41 -15.02 -22.48
C6 5CM B 6 -16.83 -12.63 -23.22
O2 5CM B 6 -17.28 -9.83 -21.42
N4 5CM B 6 -16.56 -14.01 -19.77
C1' 5CM B 6 -17.20 -10.37 -23.96
C2' 5CM B 6 -16.28 -10.45 -24.83
C3' 5CM B 6 -16.89 -9.81 -26.04
C4' 5CM B 6 -18.43 -9.84 -25.77
O4' 5CM B 6 -18.57 -10.61 -24.81
O3' 5CM B 6 -16.47 -8.51 -26.15
C5' 5CM B 6 -19.21 -10.38 -27.04
O5' 5CM B 6 -18.76 -11.66 -27.35
P 5CM B 6 -19.72 -12.62 -28.28
OP1 5CM B 6 -20.08 -11.93 -29.58
OP2 5CM B 6 -19.08 -13.96 -28.53
P A1L82 C 6 -8.55 -6.11 -10.19
O1P A1L82 C 6 -8.92 -4.71 -10.61
O2P A1L82 C 6 -7.12 -6.14 -9.65
O5' A1L82 C 6 -9.60 -6.65 -9.01
C5' A1L82 C 6 -10.96 -6.23 -9.08
C4' A1L82 C 6 -11.72 -6.91 -7.88
O4' A1L82 C 6 -11.38 -6.37 -6.78
C3' A1L82 C 6 -13.28 -6.64 -8.02
O3' A1L82 C 6 -13.93 -7.79 -8.32
C2' A1L82 C 6 -13.71 -6.13 -6.69
C1' A1L82 C 6 -12.69 -6.41 -5.87
N1 A1L82 C 6 -12.60 -5.42 -4.81
C2 A1L82 C 6 -11.26 -5.34 -4.25
O2 A1L82 C 6 -10.90 -6.56 -3.80
N3 A1L82 C 6 -11.20 -4.35 -3.08
C4 A1L82 C 6 -11.81 -3.03 -3.40
N4 A1L82 C 6 -10.84 -2.24 -4.19
C5 A1L82 C 6 -13.15 -3.16 -4.12
C6 A1L82 C 6 -13.07 -4.10 -5.26
CM5 A1L82 C 6 -14.23 -3.70 -3.08
F A1L82 C 6 -13.55 -1.90 -4.58
N SAH D . -12.71 -2.41 2.13
CA SAH D . -13.58 -3.22 2.97
CB SAH D . -14.86 -3.58 2.23
CG SAH D . -14.81 -3.42 0.72
SD SAH D . -15.31 -1.77 0.21
C SAH D . -12.89 -4.50 3.45
O SAH D . -13.54 -5.48 3.81
OXT SAH D . -11.66 -4.58 3.48
C5' SAH D . -16.73 -2.46 -0.69
C4' SAH D . -18.04 -2.28 0.07
O4' SAH D . -18.40 -0.92 0.16
C3' SAH D . -19.18 -3.00 -0.62
O3' SAH D . -19.54 -4.16 0.10
C2' SAH D . -20.34 -2.01 -0.61
O2' SAH D . -21.46 -2.58 0.03
C1' SAH D . -19.82 -0.83 0.19
N9 SAH D . -20.32 0.44 -0.35
C8 SAH D . -20.32 0.82 -1.67
N7 SAH D . -20.88 2.05 -1.76
C5 SAH D . -21.23 2.45 -0.52
C6 SAH D . -21.84 3.62 -0.06
N6 SAH D . -22.17 4.57 -0.91
N1 SAH D . -22.10 3.77 1.28
C2 SAH D . -21.75 2.76 2.16
N3 SAH D . -21.15 1.61 1.70
C4 SAH D . -20.89 1.45 0.37
ZN ZN E . 22.56 22.43 0.47
#